data_1KZG
#
_entry.id   1KZG
#
_cell.length_a   67.320
_cell.length_b   88.190
_cell.length_c   232.780
_cell.angle_alpha   90.00
_cell.angle_beta   90.00
_cell.angle_gamma   90.00
#
_symmetry.space_group_name_H-M   'P 21 21 21'
#
loop_
_entity.id
_entity.type
_entity.pdbx_description
1 polymer 'GUANINE NUCLEOTIDE EXCHANGE FACTOR DBS'
2 polymer 'CDC42 HOMOLOG'
3 water water
#
loop_
_entity_poly.entity_id
_entity_poly.type
_entity_poly.pdbx_seq_one_letter_code
_entity_poly.pdbx_strand_id
1 'polypeptide(L)'
;MGEEEESLAILRRHVMNELLDTERAYVEELLCVLEGYAAEMDNPLMAHLISTGLQNKKNILFGNMEEIYHFHNRIFLREL
ESCIDCPELVGRCFLERMEEFQIYEKYCQNKPRSESLWRQCSDCPFFQECQKKLDHKLSLDSYLLKPVQRITKYQLLLKE
MLKYSKHCEGAEDLQEALSSILGILKAVNDSMHLIAITGYDGNLGDLGKLLMQGSFSVWTDHKKGHTKVKELARFKPMQR
HLFLHEKAVLFCKKREENGEGYEKAPSFSYKQSLNMTAVGITENVKGDTKKFEIWYNAREEVYIIQAPTPEIKAAWVNEI
RKVLTSQLQACREASQHRALEQSHSLEHHHHHH
;
A,C
2 'polypeptide(L)'
;MQTIKCVVVGDGAVGKTCLLISYTTNKFPSEYVPTVFDNYAVTVMIGGEPYTLGLFDTAGQEDYDRLRPLSYPQTDVFLV
CFSVVSPSSFENVKEKWVPEITHHCPKTPFLLVGTQIDLRDDPSTIEKLAKNKQKPITPETAEKLARDLKAVKYVECSAL
TQKGLKNVFDEAILAALEPPEPKKSRRS
;
B,D
#
# COMPACT_ATOMS: atom_id res chain seq x y z
N GLU A 3 1.59 27.48 11.63
CA GLU A 3 0.75 26.26 11.47
C GLU A 3 1.50 25.22 10.63
N GLU A 4 1.17 23.95 10.82
CA GLU A 4 1.82 22.88 10.08
C GLU A 4 1.45 22.88 8.60
N GLU A 5 0.15 22.82 8.33
CA GLU A 5 -0.34 22.81 6.97
C GLU A 5 0.38 23.86 6.11
N GLU A 6 0.77 24.96 6.74
CA GLU A 6 1.44 26.02 6.01
C GLU A 6 2.90 25.73 5.70
N SER A 7 3.62 25.13 6.64
CA SER A 7 5.02 24.79 6.44
C SER A 7 5.16 23.82 5.28
N LEU A 8 4.26 22.86 5.24
CA LEU A 8 4.26 21.84 4.19
C LEU A 8 3.92 22.40 2.81
N ALA A 9 3.07 23.42 2.75
CA ALA A 9 2.70 24.02 1.47
C ALA A 9 3.93 24.76 0.91
N ILE A 10 4.69 25.39 1.80
CA ILE A 10 5.90 26.12 1.43
C ILE A 10 6.90 25.11 0.86
N LEU A 11 7.17 24.06 1.64
CA LEU A 11 8.10 23.02 1.24
C LEU A 11 7.70 22.41 -0.10
N ARG A 12 6.40 22.21 -0.28
CA ARG A 12 5.87 21.67 -1.51
C ARG A 12 6.18 22.60 -2.68
N ARG A 13 6.19 23.90 -2.41
CA ARG A 13 6.49 24.86 -3.44
C ARG A 13 7.97 24.82 -3.76
N HIS A 14 8.79 24.62 -2.72
CA HIS A 14 10.23 24.53 -2.92
C HIS A 14 10.54 23.36 -3.87
N VAL A 15 9.93 22.21 -3.62
CA VAL A 15 10.16 21.06 -4.48
C VAL A 15 9.67 21.34 -5.90
N MET A 16 8.51 21.96 -6.00
CA MET A 16 7.96 22.27 -7.32
C MET A 16 8.91 23.22 -8.06
N ASN A 17 9.43 24.24 -7.37
CA ASN A 17 10.34 25.17 -8.02
C ASN A 17 11.58 24.45 -8.51
N GLU A 18 12.18 23.62 -7.66
CA GLU A 18 13.36 22.90 -8.08
C GLU A 18 13.04 21.96 -9.24
N LEU A 19 11.90 21.31 -9.18
CA LEU A 19 11.52 20.41 -10.24
C LEU A 19 11.48 21.17 -11.56
N LEU A 20 10.88 22.37 -11.51
CA LEU A 20 10.74 23.21 -12.68
C LEU A 20 12.04 23.84 -13.17
N ASP A 21 12.85 24.34 -12.25
CA ASP A 21 14.11 24.95 -12.66
C ASP A 21 15.03 23.91 -13.31
N THR A 22 15.22 22.79 -12.63
CA THR A 22 16.07 21.73 -13.16
C THR A 22 15.51 21.14 -14.45
N GLU A 23 14.20 21.20 -14.62
CA GLU A 23 13.59 20.68 -15.85
C GLU A 23 13.98 21.60 -17.02
N ARG A 24 13.89 22.91 -16.82
CA ARG A 24 14.26 23.88 -17.86
C ARG A 24 15.74 23.77 -18.18
N ALA A 25 16.57 23.79 -17.16
CA ALA A 25 18.02 23.67 -17.34
C ALA A 25 18.29 22.41 -18.19
N TYR A 26 17.67 21.29 -17.81
CA TYR A 26 17.81 20.03 -18.53
C TYR A 26 17.47 20.20 -20.02
N VAL A 27 16.26 20.66 -20.29
CA VAL A 27 15.78 20.87 -21.65
C VAL A 27 16.77 21.74 -22.40
N GLU A 28 17.07 22.89 -21.82
CA GLU A 28 18.01 23.85 -22.40
C GLU A 28 19.41 23.26 -22.63
N GLU A 29 19.86 22.42 -21.71
CA GLU A 29 21.17 21.79 -21.83
C GLU A 29 21.19 20.72 -22.91
N LEU A 30 20.04 20.11 -23.17
CA LEU A 30 20.00 19.09 -24.23
C LEU A 30 20.06 19.79 -25.58
N LEU A 31 19.26 20.84 -25.73
CA LEU A 31 19.19 21.61 -26.97
C LEU A 31 20.57 22.15 -27.29
N CYS A 32 21.16 22.75 -26.27
CA CYS A 32 22.47 23.34 -26.36
C CYS A 32 23.53 22.43 -26.94
N VAL A 33 23.37 21.13 -26.71
CA VAL A 33 24.33 20.17 -27.20
C VAL A 33 23.91 19.56 -28.53
N LEU A 34 22.60 19.49 -28.76
CA LEU A 34 22.11 18.95 -30.01
C LEU A 34 22.44 19.93 -31.14
N GLU A 35 22.46 21.22 -30.80
CA GLU A 35 22.79 22.25 -31.79
C GLU A 35 24.29 22.57 -31.80
N GLY A 36 24.88 22.59 -30.59
CA GLY A 36 26.28 22.90 -30.44
C GLY A 36 27.25 21.82 -30.88
N TYR A 37 26.79 20.57 -30.92
CA TYR A 37 27.67 19.48 -31.35
C TYR A 37 27.06 18.65 -32.47
N ALA A 38 25.95 17.99 -32.17
CA ALA A 38 25.25 17.13 -33.12
C ALA A 38 25.01 17.82 -34.47
N ALA A 39 24.50 19.05 -34.42
CA ALA A 39 24.22 19.81 -35.63
C ALA A 39 25.53 20.15 -36.36
N GLU A 40 26.52 20.62 -35.62
CA GLU A 40 27.80 20.98 -36.19
C GLU A 40 28.47 19.84 -36.97
N MET A 41 28.02 18.61 -36.75
CA MET A 41 28.60 17.47 -37.46
C MET A 41 28.10 17.45 -38.90
N ASP A 42 27.30 18.45 -39.26
CA ASP A 42 26.74 18.57 -40.60
C ASP A 42 27.09 19.93 -41.18
N ASN A 43 27.63 20.80 -40.34
CA ASN A 43 28.03 22.14 -40.79
C ASN A 43 29.29 22.02 -41.65
N PRO A 44 29.17 22.32 -42.95
CA PRO A 44 30.30 22.25 -43.89
C PRO A 44 31.52 23.04 -43.40
N LEU A 45 31.27 24.18 -42.77
CA LEU A 45 32.34 25.00 -42.25
C LEU A 45 33.16 24.24 -41.22
N MET A 46 32.63 23.12 -40.76
CA MET A 46 33.30 22.28 -39.76
C MET A 46 33.72 20.94 -40.39
N ALA A 47 33.18 20.65 -41.57
CA ALA A 47 33.46 19.40 -42.28
C ALA A 47 34.96 19.09 -42.45
N HIS A 48 35.79 20.09 -42.22
CA HIS A 48 37.23 19.92 -42.34
C HIS A 48 37.86 19.46 -41.03
N LEU A 49 37.04 19.30 -39.99
CA LEU A 49 37.51 18.87 -38.68
C LEU A 49 36.95 17.51 -38.29
N ILE A 50 36.11 16.94 -39.16
CA ILE A 50 35.49 15.66 -38.88
C ILE A 50 35.39 14.73 -40.10
N SER A 51 35.88 13.50 -39.95
CA SER A 51 35.82 12.54 -41.04
C SER A 51 34.38 12.14 -41.30
N THR A 52 34.17 11.34 -42.34
CA THR A 52 32.83 10.90 -42.67
C THR A 52 32.46 9.73 -41.77
N GLY A 53 33.49 9.03 -41.30
CA GLY A 53 33.28 7.90 -40.42
C GLY A 53 32.65 8.31 -39.11
N LEU A 54 33.13 9.41 -38.55
CA LEU A 54 32.61 9.92 -37.30
C LEU A 54 31.24 10.52 -37.58
N GLN A 55 31.20 11.43 -38.53
CA GLN A 55 29.96 12.09 -38.90
C GLN A 55 28.80 11.10 -39.09
N ASN A 56 29.12 9.87 -39.51
CA ASN A 56 28.08 8.86 -39.71
C ASN A 56 27.65 8.18 -38.42
N LYS A 57 28.47 8.33 -37.38
CA LYS A 57 28.19 7.73 -36.08
C LYS A 57 27.52 8.68 -35.09
N LYS A 58 26.97 9.79 -35.58
CA LYS A 58 26.30 10.77 -34.74
C LYS A 58 25.24 10.11 -33.86
N ASN A 59 24.42 9.26 -34.47
CA ASN A 59 23.36 8.58 -33.74
C ASN A 59 23.87 7.62 -32.68
N ILE A 60 25.11 7.15 -32.82
CA ILE A 60 25.70 6.24 -31.82
C ILE A 60 26.15 7.10 -30.65
N LEU A 61 26.65 8.29 -30.97
CA LEU A 61 27.14 9.22 -29.96
C LEU A 61 26.01 9.80 -29.12
N PHE A 62 24.97 10.28 -29.78
CA PHE A 62 23.84 10.89 -29.09
C PHE A 62 22.63 9.99 -28.80
N GLY A 63 22.69 8.73 -29.20
CA GLY A 63 21.55 7.87 -28.96
C GLY A 63 20.29 8.61 -29.37
N ASN A 64 19.23 8.48 -28.57
CA ASN A 64 17.99 9.15 -28.93
C ASN A 64 17.78 10.43 -28.15
N MET A 65 18.87 11.12 -27.84
CA MET A 65 18.76 12.36 -27.10
C MET A 65 17.76 13.34 -27.71
N GLU A 66 17.72 13.40 -29.04
CA GLU A 66 16.79 14.33 -29.68
C GLU A 66 15.34 13.98 -29.36
N GLU A 67 14.99 12.70 -29.44
CA GLU A 67 13.63 12.27 -29.11
C GLU A 67 13.34 12.71 -27.68
N ILE A 68 14.26 12.38 -26.78
CA ILE A 68 14.13 12.73 -25.38
C ILE A 68 13.96 14.24 -25.24
N TYR A 69 14.75 15.00 -25.98
CA TYR A 69 14.64 16.46 -25.94
C TYR A 69 13.22 16.88 -26.31
N HIS A 70 12.71 16.27 -27.37
CA HIS A 70 11.38 16.55 -27.88
C HIS A 70 10.30 16.37 -26.84
N PHE A 71 10.28 15.21 -26.21
CA PHE A 71 9.29 14.90 -25.20
C PHE A 71 9.23 15.96 -24.09
N HIS A 72 10.37 16.26 -23.48
CA HIS A 72 10.41 17.24 -22.40
C HIS A 72 10.13 18.67 -22.86
N ASN A 73 10.66 19.03 -24.02
CA ASN A 73 10.48 20.38 -24.55
C ASN A 73 9.04 20.67 -24.99
N ARG A 74 8.40 19.68 -25.61
CA ARG A 74 7.04 19.84 -26.11
C ARG A 74 5.93 19.44 -25.13
N ILE A 75 6.14 18.30 -24.48
CA ILE A 75 5.14 17.77 -23.56
C ILE A 75 5.36 18.03 -22.07
N PHE A 76 6.37 17.37 -21.51
CA PHE A 76 6.62 17.43 -20.07
C PHE A 76 6.82 18.76 -19.39
N LEU A 77 7.80 19.55 -19.80
CA LEU A 77 8.00 20.85 -19.16
C LEU A 77 6.68 21.62 -19.11
N ARG A 78 5.94 21.59 -20.22
CA ARG A 78 4.67 22.30 -20.32
C ARG A 78 3.71 21.84 -19.21
N GLU A 79 3.57 20.53 -19.08
CA GLU A 79 2.67 19.95 -18.08
C GLU A 79 3.13 20.16 -16.64
N LEU A 80 4.42 20.08 -16.38
CA LEU A 80 4.92 20.30 -15.04
C LEU A 80 4.55 21.71 -14.63
N GLU A 81 4.74 22.64 -15.56
CA GLU A 81 4.43 24.05 -15.31
C GLU A 81 2.94 24.28 -15.10
N SER A 82 2.11 23.36 -15.57
CA SER A 82 0.68 23.53 -15.37
C SER A 82 0.33 23.10 -13.94
N CYS A 83 1.34 22.86 -13.10
CA CYS A 83 1.13 22.40 -11.72
C CYS A 83 1.68 23.34 -10.65
N ILE A 84 2.17 24.50 -11.06
CA ILE A 84 2.76 25.47 -10.14
C ILE A 84 1.89 25.81 -8.92
N ASP A 85 0.61 26.08 -9.15
CA ASP A 85 -0.30 26.44 -8.07
C ASP A 85 -0.75 25.26 -7.24
N CYS A 86 -0.53 24.05 -7.75
CA CYS A 86 -0.92 22.84 -7.02
C CYS A 86 0.10 21.73 -7.26
N PRO A 87 1.31 21.91 -6.70
CA PRO A 87 2.39 20.93 -6.82
C PRO A 87 2.04 19.47 -6.52
N GLU A 88 1.15 19.23 -5.56
CA GLU A 88 0.76 17.87 -5.21
C GLU A 88 0.24 17.10 -6.41
N LEU A 89 -0.30 17.82 -7.39
CA LEU A 89 -0.86 17.20 -8.58
C LEU A 89 0.16 16.86 -9.65
N VAL A 90 1.44 17.06 -9.34
CA VAL A 90 2.46 16.77 -10.32
C VAL A 90 2.58 15.25 -10.51
N GLY A 91 2.12 14.50 -9.52
CA GLY A 91 2.17 13.05 -9.62
C GLY A 91 1.33 12.54 -10.78
N ARG A 92 0.29 13.29 -11.11
CA ARG A 92 -0.60 12.94 -12.20
C ARG A 92 0.07 13.20 -13.55
N CYS A 93 0.97 14.18 -13.59
CA CYS A 93 1.71 14.47 -14.81
C CYS A 93 2.52 13.24 -15.16
N PHE A 94 3.17 12.67 -14.15
CA PHE A 94 3.99 11.50 -14.37
C PHE A 94 3.16 10.30 -14.81
N LEU A 95 2.03 10.08 -14.14
CA LEU A 95 1.15 8.96 -14.46
C LEU A 95 0.60 9.09 -15.86
N GLU A 96 0.26 10.32 -16.24
CA GLU A 96 -0.30 10.60 -17.56
C GLU A 96 0.71 10.38 -18.69
N ARG A 97 2.01 10.30 -18.37
CA ARG A 97 3.03 10.14 -19.39
C ARG A 97 4.00 8.98 -19.15
N MET A 98 3.61 8.02 -18.33
CA MET A 98 4.50 6.91 -18.03
C MET A 98 5.07 6.19 -19.22
N GLU A 99 4.27 5.99 -20.25
CA GLU A 99 4.73 5.30 -21.44
C GLU A 99 5.87 6.04 -22.13
N GLU A 100 5.71 7.35 -22.28
CA GLU A 100 6.72 8.18 -22.93
C GLU A 100 8.09 8.00 -22.30
N PHE A 101 8.14 7.89 -20.98
CA PHE A 101 9.42 7.71 -20.30
C PHE A 101 10.16 6.44 -20.68
N GLN A 102 9.51 5.58 -21.46
CA GLN A 102 10.14 4.32 -21.89
C GLN A 102 11.36 4.64 -22.75
N ILE A 103 11.34 5.80 -23.41
CA ILE A 103 12.45 6.19 -24.27
C ILE A 103 13.81 6.21 -23.57
N TYR A 104 13.82 6.33 -22.25
CA TYR A 104 15.09 6.33 -21.53
C TYR A 104 15.78 4.98 -21.56
N GLU A 105 15.01 3.94 -21.84
CA GLU A 105 15.58 2.60 -21.87
C GLU A 105 16.56 2.48 -23.03
N LYS A 106 16.15 3.05 -24.16
CA LYS A 106 16.97 3.02 -25.36
C LYS A 106 18.24 3.83 -25.13
N TYR A 107 18.08 5.02 -24.56
CA TYR A 107 19.24 5.88 -24.32
C TYR A 107 20.29 5.25 -23.41
N CYS A 108 19.85 4.67 -22.30
CA CYS A 108 20.79 4.07 -21.35
C CYS A 108 21.47 2.85 -21.92
N GLN A 109 20.72 2.04 -22.68
CA GLN A 109 21.30 0.84 -23.27
C GLN A 109 22.37 1.21 -24.28
N ASN A 110 22.21 2.36 -24.92
CA ASN A 110 23.17 2.81 -25.91
C ASN A 110 24.31 3.63 -25.31
N LYS A 111 24.16 4.09 -24.06
CA LYS A 111 25.22 4.91 -23.46
C LYS A 111 26.61 4.28 -23.42
N PRO A 112 26.73 3.03 -22.96
CA PRO A 112 28.09 2.46 -22.94
C PRO A 112 28.72 2.41 -24.34
N ARG A 113 27.87 2.26 -25.34
CA ARG A 113 28.28 2.21 -26.75
C ARG A 113 28.85 3.59 -27.11
N SER A 114 28.10 4.63 -26.76
CA SER A 114 28.51 6.01 -27.01
C SER A 114 29.81 6.31 -26.31
N GLU A 115 29.98 5.78 -25.10
CA GLU A 115 31.19 6.00 -24.32
C GLU A 115 32.38 5.42 -25.07
N SER A 116 32.25 4.15 -25.46
CA SER A 116 33.29 3.44 -26.17
C SER A 116 33.76 4.26 -27.37
N LEU A 117 32.80 4.85 -28.08
CA LEU A 117 33.10 5.67 -29.23
C LEU A 117 33.83 6.94 -28.78
N TRP A 118 33.30 7.58 -27.74
CA TRP A 118 33.88 8.82 -27.21
C TRP A 118 35.34 8.61 -26.80
N ARG A 119 35.65 7.44 -26.25
CA ARG A 119 37.02 7.16 -25.82
C ARG A 119 38.01 7.37 -26.95
N GLN A 120 37.60 7.01 -28.15
CA GLN A 120 38.46 7.11 -29.31
C GLN A 120 38.58 8.50 -29.92
N CYS A 121 37.45 9.19 -30.09
CA CYS A 121 37.46 10.51 -30.71
C CYS A 121 37.35 11.74 -29.81
N SER A 122 37.41 11.57 -28.51
CA SER A 122 37.31 12.73 -27.61
C SER A 122 38.40 13.77 -27.91
N ASP A 123 39.50 13.30 -28.48
CA ASP A 123 40.64 14.15 -28.82
C ASP A 123 40.44 14.92 -30.14
N CYS A 124 39.58 14.39 -31.00
CA CYS A 124 39.30 15.01 -32.30
C CYS A 124 39.08 16.52 -32.15
N PRO A 125 39.80 17.31 -32.95
CA PRO A 125 39.73 18.77 -32.94
C PRO A 125 38.31 19.29 -33.09
N PHE A 126 37.46 18.51 -33.76
CA PHE A 126 36.08 18.90 -33.97
C PHE A 126 35.39 19.25 -32.64
N PHE A 127 35.57 18.39 -31.64
CA PHE A 127 34.95 18.60 -30.35
C PHE A 127 35.53 19.75 -29.55
N GLN A 128 36.86 19.85 -29.54
CA GLN A 128 37.54 20.93 -28.82
C GLN A 128 37.06 22.25 -29.42
N GLU A 129 36.78 22.20 -30.71
CA GLU A 129 36.31 23.37 -31.43
C GLU A 129 34.88 23.75 -31.06
N CYS A 130 33.98 22.77 -31.08
CA CYS A 130 32.57 23.02 -30.73
C CYS A 130 32.48 23.54 -29.30
N GLN A 131 33.27 22.94 -28.42
CA GLN A 131 33.27 23.34 -27.03
C GLN A 131 33.61 24.81 -26.91
N LYS A 132 34.71 25.22 -27.56
CA LYS A 132 35.15 26.61 -27.51
C LYS A 132 34.04 27.55 -27.95
N LYS A 133 33.41 27.26 -29.09
CA LYS A 133 32.32 28.10 -29.57
C LYS A 133 31.18 28.18 -28.56
N LEU A 134 30.94 27.09 -27.85
CA LEU A 134 29.88 27.04 -26.84
C LEU A 134 30.33 27.62 -25.51
N ASP A 135 31.65 27.81 -25.38
CA ASP A 135 32.23 28.35 -24.15
C ASP A 135 31.93 27.40 -22.98
N HIS A 136 32.00 26.11 -23.24
CA HIS A 136 31.75 25.09 -22.22
C HIS A 136 33.06 24.72 -21.52
N LYS A 137 33.01 24.60 -20.19
CA LYS A 137 34.20 24.21 -19.46
C LYS A 137 34.21 22.68 -19.32
N LEU A 138 33.03 22.09 -19.50
CA LEU A 138 32.86 20.63 -19.42
C LEU A 138 32.68 20.04 -20.81
N SER A 139 33.16 18.81 -20.98
CA SER A 139 33.12 18.11 -22.26
C SER A 139 31.72 17.67 -22.66
N LEU A 140 31.57 17.30 -23.93
CA LEU A 140 30.30 16.81 -24.45
C LEU A 140 29.88 15.62 -23.59
N ASP A 141 30.85 14.79 -23.25
CA ASP A 141 30.59 13.58 -22.46
C ASP A 141 29.73 13.86 -21.23
N SER A 142 30.03 14.93 -20.49
CA SER A 142 29.25 15.26 -19.30
C SER A 142 27.79 15.55 -19.66
N TYR A 143 27.57 16.14 -20.83
CA TYR A 143 26.20 16.44 -21.26
C TYR A 143 25.47 15.19 -21.70
N LEU A 144 26.22 14.24 -22.25
CA LEU A 144 25.60 13.01 -22.72
C LEU A 144 25.10 12.21 -21.52
N LEU A 145 25.69 12.48 -20.35
CA LEU A 145 25.30 11.81 -19.11
C LEU A 145 23.97 12.34 -18.55
N LYS A 146 23.62 13.58 -18.88
CA LYS A 146 22.42 14.22 -18.37
C LYS A 146 21.14 13.40 -18.35
N PRO A 147 20.76 12.77 -19.47
CA PRO A 147 19.52 11.98 -19.46
C PRO A 147 19.54 10.90 -18.36
N VAL A 148 20.67 10.21 -18.23
CA VAL A 148 20.82 9.17 -17.21
C VAL A 148 20.60 9.77 -15.83
N GLN A 149 21.22 10.93 -15.60
CA GLN A 149 21.12 11.63 -14.33
C GLN A 149 19.72 12.18 -14.09
N ARG A 150 19.04 12.61 -15.15
CA ARG A 150 17.71 13.17 -15.00
C ARG A 150 16.68 12.14 -14.62
N ILE A 151 16.67 11.01 -15.32
CA ILE A 151 15.70 9.97 -15.04
C ILE A 151 15.90 9.47 -13.61
N THR A 152 17.14 9.49 -13.13
CA THR A 152 17.41 9.03 -11.77
C THR A 152 17.27 10.11 -10.71
N LYS A 153 16.67 11.24 -11.08
CA LYS A 153 16.45 12.33 -10.12
C LYS A 153 14.94 12.42 -9.84
N TYR A 154 14.15 12.06 -10.85
CA TYR A 154 12.70 12.09 -10.75
C TYR A 154 12.13 11.30 -9.57
N GLN A 155 12.76 10.19 -9.19
CA GLN A 155 12.23 9.45 -8.08
C GLN A 155 12.58 10.19 -6.78
N LEU A 156 13.71 10.88 -6.75
CA LEU A 156 14.10 11.64 -5.56
C LEU A 156 13.12 12.81 -5.39
N LEU A 157 12.89 13.55 -6.48
CA LEU A 157 11.97 14.69 -6.42
C LEU A 157 10.54 14.30 -6.03
N LEU A 158 10.05 13.19 -6.58
CA LEU A 158 8.71 12.71 -6.25
C LEU A 158 8.65 12.29 -4.79
N LYS A 159 9.63 11.52 -4.33
CA LYS A 159 9.64 11.11 -2.94
C LYS A 159 9.60 12.34 -2.03
N GLU A 160 10.34 13.38 -2.42
CA GLU A 160 10.41 14.62 -1.66
C GLU A 160 9.03 15.33 -1.65
N MET A 161 8.37 15.37 -2.81
CA MET A 161 7.05 15.99 -2.89
C MET A 161 6.03 15.19 -2.04
N LEU A 162 6.11 13.87 -2.11
CA LEU A 162 5.18 13.02 -1.36
C LEU A 162 5.38 13.22 0.14
N LYS A 163 6.63 13.42 0.54
CA LYS A 163 6.93 13.64 1.95
C LYS A 163 6.12 14.81 2.52
N TYR A 164 5.96 15.88 1.74
CA TYR A 164 5.23 17.08 2.19
C TYR A 164 3.81 17.13 1.65
N SER A 165 3.26 15.99 1.24
CA SER A 165 1.92 15.95 0.68
C SER A 165 0.99 14.90 1.28
N LYS A 166 1.41 14.29 2.38
CA LYS A 166 0.61 13.24 3.02
C LYS A 166 -0.90 13.54 3.16
N HIS A 167 -1.24 14.76 3.58
CA HIS A 167 -2.65 15.10 3.75
C HIS A 167 -3.25 15.88 2.60
N CYS A 168 -2.61 15.80 1.44
CA CYS A 168 -3.10 16.51 0.26
C CYS A 168 -3.93 15.64 -0.65
N GLU A 169 -4.72 16.31 -1.47
CA GLU A 169 -5.53 15.63 -2.46
C GLU A 169 -4.45 15.32 -3.49
N GLY A 170 -4.19 14.04 -3.76
CA GLY A 170 -3.17 13.72 -4.74
C GLY A 170 -2.00 12.90 -4.21
N ALA A 171 -2.03 12.64 -2.90
CA ALA A 171 -1.00 11.87 -2.25
C ALA A 171 -0.89 10.47 -2.86
N GLU A 172 -2.04 9.86 -3.17
CA GLU A 172 -2.04 8.53 -3.77
C GLU A 172 -1.37 8.53 -5.14
N ASP A 173 -1.72 9.52 -5.95
CA ASP A 173 -1.15 9.65 -7.29
C ASP A 173 0.35 9.89 -7.20
N LEU A 174 0.78 10.64 -6.20
CA LEU A 174 2.20 10.88 -6.02
C LEU A 174 2.89 9.56 -5.76
N GLN A 175 2.35 8.80 -4.82
CA GLN A 175 2.90 7.52 -4.48
C GLN A 175 2.91 6.60 -5.70
N GLU A 176 1.87 6.69 -6.51
CA GLU A 176 1.80 5.84 -7.69
C GLU A 176 2.85 6.27 -8.71
N ALA A 177 3.03 7.59 -8.85
CA ALA A 177 4.03 8.10 -9.78
C ALA A 177 5.41 7.62 -9.32
N LEU A 178 5.68 7.76 -8.03
CA LEU A 178 6.96 7.35 -7.47
C LEU A 178 7.25 5.89 -7.80
N SER A 179 6.25 5.03 -7.59
CA SER A 179 6.39 3.60 -7.84
C SER A 179 6.56 3.26 -9.30
N SER A 180 5.88 4.00 -10.16
CA SER A 180 5.98 3.74 -11.58
C SER A 180 7.37 4.10 -12.09
N ILE A 181 7.88 5.25 -11.63
CA ILE A 181 9.20 5.70 -12.03
C ILE A 181 10.23 4.71 -11.51
N LEU A 182 10.11 4.31 -10.25
CA LEU A 182 11.02 3.33 -9.68
C LEU A 182 10.91 2.09 -10.55
N GLY A 183 9.72 1.87 -11.09
CA GLY A 183 9.49 0.72 -11.95
C GLY A 183 10.35 0.79 -13.20
N ILE A 184 10.28 1.92 -13.89
CA ILE A 184 11.03 2.14 -15.10
C ILE A 184 12.53 2.04 -14.85
N LEU A 185 13.01 2.68 -13.79
CA LEU A 185 14.42 2.61 -13.44
C LEU A 185 14.86 1.14 -13.28
N LYS A 186 14.02 0.33 -12.65
CA LYS A 186 14.35 -1.08 -12.45
C LYS A 186 14.40 -1.81 -13.79
N ALA A 187 13.37 -1.62 -14.60
CA ALA A 187 13.31 -2.25 -15.89
C ALA A 187 14.52 -1.80 -16.74
N VAL A 188 14.85 -0.53 -16.71
CA VAL A 188 16.00 -0.08 -17.50
C VAL A 188 17.24 -0.78 -16.99
N ASN A 189 17.48 -0.66 -15.69
CA ASN A 189 18.67 -1.29 -15.13
C ASN A 189 18.68 -2.79 -15.39
N ASP A 190 17.53 -3.44 -15.25
CA ASP A 190 17.43 -4.88 -15.48
C ASP A 190 17.85 -5.20 -16.91
N SER A 191 17.32 -4.45 -17.86
CA SER A 191 17.62 -4.67 -19.27
C SER A 191 19.10 -4.48 -19.63
N MET A 192 19.83 -3.65 -18.88
CA MET A 192 21.24 -3.44 -19.17
C MET A 192 22.02 -4.73 -18.89
N HIS A 193 21.51 -5.55 -17.98
CA HIS A 193 22.18 -6.81 -17.65
C HIS A 193 21.85 -7.83 -18.73
N LEU A 194 20.60 -7.78 -19.21
CA LEU A 194 20.12 -8.71 -20.22
C LEU A 194 20.89 -8.66 -21.52
N ILE A 195 21.21 -7.45 -21.98
CA ILE A 195 21.94 -7.30 -23.22
C ILE A 195 23.43 -7.62 -23.06
N ALA A 196 23.84 -7.89 -21.83
CA ALA A 196 25.24 -8.23 -21.55
C ALA A 196 25.42 -9.75 -21.53
N ILE A 197 24.33 -10.48 -21.79
CA ILE A 197 24.40 -11.93 -21.81
C ILE A 197 25.04 -12.41 -23.10
N THR A 198 26.02 -13.31 -22.97
CA THR A 198 26.71 -13.85 -24.13
C THR A 198 26.52 -15.36 -24.21
N GLY A 199 26.59 -15.89 -25.43
CA GLY A 199 26.46 -17.32 -25.64
C GLY A 199 25.06 -17.90 -25.58
N TYR A 200 24.03 -17.07 -25.76
CA TYR A 200 22.67 -17.59 -25.72
C TYR A 200 22.23 -17.89 -27.14
N ASP A 201 22.29 -19.17 -27.48
CA ASP A 201 21.89 -19.60 -28.80
C ASP A 201 20.38 -19.58 -28.84
N GLY A 202 19.82 -18.49 -29.37
CA GLY A 202 18.39 -18.37 -29.43
C GLY A 202 17.98 -16.94 -29.16
N ASN A 203 16.68 -16.68 -29.28
CA ASN A 203 16.16 -15.34 -29.07
C ASN A 203 15.70 -15.17 -27.62
N LEU A 204 16.34 -14.25 -26.91
CA LEU A 204 15.99 -13.97 -25.52
C LEU A 204 14.58 -13.42 -25.36
N GLY A 205 14.08 -12.77 -26.41
CA GLY A 205 12.74 -12.21 -26.37
C GLY A 205 11.66 -13.27 -26.37
N ASP A 206 12.04 -14.53 -26.63
CA ASP A 206 11.06 -15.60 -26.64
C ASP A 206 10.81 -16.07 -25.22
N LEU A 207 11.64 -15.60 -24.29
CA LEU A 207 11.50 -15.98 -22.89
C LEU A 207 10.42 -15.16 -22.19
N GLY A 208 10.01 -14.06 -22.81
CA GLY A 208 9.00 -13.21 -22.22
C GLY A 208 9.68 -12.09 -21.44
N LYS A 209 8.90 -11.29 -20.72
CA LYS A 209 9.44 -10.18 -19.95
C LYS A 209 10.51 -10.62 -18.95
N LEU A 210 11.51 -9.78 -18.79
CA LEU A 210 12.55 -10.03 -17.80
C LEU A 210 11.91 -9.43 -16.53
N LEU A 211 11.66 -10.28 -15.55
CA LEU A 211 11.03 -9.82 -14.32
C LEU A 211 12.04 -9.45 -13.25
N MET A 212 13.14 -10.22 -13.13
CA MET A 212 14.18 -9.97 -12.14
C MET A 212 15.56 -10.46 -12.62
N GLN A 213 16.61 -9.87 -12.05
CA GLN A 213 17.98 -10.28 -12.34
C GLN A 213 18.82 -9.96 -11.12
N GLY A 214 19.84 -10.77 -10.87
CA GLY A 214 20.68 -10.52 -9.72
C GLY A 214 21.80 -11.52 -9.59
N SER A 215 22.70 -11.24 -8.66
CA SER A 215 23.84 -12.11 -8.43
C SER A 215 23.56 -12.89 -7.14
N PHE A 216 23.89 -14.18 -7.13
CA PHE A 216 23.63 -14.99 -5.95
C PHE A 216 24.68 -16.08 -5.73
N SER A 217 24.73 -16.57 -4.50
CA SER A 217 25.59 -17.68 -4.15
C SER A 217 24.62 -18.85 -4.35
N VAL A 218 24.96 -19.79 -5.23
CA VAL A 218 24.08 -20.91 -5.50
C VAL A 218 24.69 -22.22 -5.04
N TRP A 219 23.85 -23.09 -4.50
CA TRP A 219 24.25 -24.42 -4.07
C TRP A 219 23.41 -25.41 -4.86
N THR A 220 23.99 -26.57 -5.13
CA THR A 220 23.24 -27.60 -5.84
C THR A 220 22.98 -28.69 -4.81
N ASP A 221 21.87 -29.39 -4.97
CA ASP A 221 21.51 -30.48 -4.09
C ASP A 221 20.64 -31.38 -4.94
N HIS A 222 21.16 -31.70 -6.13
CA HIS A 222 20.48 -32.51 -7.11
C HIS A 222 20.34 -33.97 -6.73
N LYS A 223 19.30 -34.62 -7.25
CA LYS A 223 19.04 -36.02 -6.97
C LYS A 223 20.20 -36.86 -7.51
N LYS A 224 20.78 -37.67 -6.63
CA LYS A 224 21.91 -38.52 -6.98
C LYS A 224 21.54 -39.43 -8.15
N GLY A 225 22.22 -39.23 -9.29
CA GLY A 225 21.96 -40.02 -10.47
C GLY A 225 22.03 -39.17 -11.72
N GLU A 231 27.28 -27.84 -13.85
CA GLU A 231 28.24 -27.59 -12.78
C GLU A 231 27.64 -27.76 -11.39
N LEU A 232 28.39 -28.40 -10.50
CA LEU A 232 27.92 -28.63 -9.14
C LEU A 232 28.56 -27.70 -8.12
N ALA A 233 27.84 -27.48 -7.03
CA ALA A 233 28.30 -26.63 -5.95
C ALA A 233 27.77 -27.25 -4.66
N ARG A 234 28.29 -28.44 -4.36
CA ARG A 234 27.89 -29.22 -3.20
C ARG A 234 28.05 -28.56 -1.83
N PHE A 235 29.23 -28.01 -1.55
CA PHE A 235 29.48 -27.42 -0.24
C PHE A 235 29.83 -25.95 -0.28
N LYS A 236 30.70 -25.58 -1.20
CA LYS A 236 31.10 -24.18 -1.39
C LYS A 236 30.21 -23.66 -2.52
N PRO A 237 29.41 -22.63 -2.24
CA PRO A 237 28.53 -22.09 -3.28
C PRO A 237 29.28 -21.61 -4.51
N MET A 238 28.59 -21.56 -5.63
CA MET A 238 29.19 -21.03 -6.85
C MET A 238 28.47 -19.71 -7.05
N GLN A 239 29.01 -18.85 -7.90
CA GLN A 239 28.36 -17.57 -8.14
C GLN A 239 27.66 -17.57 -9.47
N ARG A 240 26.42 -17.14 -9.48
CA ARG A 240 25.68 -17.10 -10.71
C ARG A 240 24.84 -15.86 -10.75
N HIS A 241 24.57 -15.39 -11.95
CA HIS A 241 23.70 -14.25 -12.12
C HIS A 241 22.45 -14.88 -12.75
N LEU A 242 21.31 -14.73 -12.08
CA LEU A 242 20.04 -15.28 -12.55
C LEU A 242 19.12 -14.23 -13.18
N PHE A 243 18.42 -14.64 -14.24
CA PHE A 243 17.47 -13.78 -14.94
C PHE A 243 16.11 -14.47 -14.90
N LEU A 244 15.17 -13.88 -14.18
CA LEU A 244 13.84 -14.44 -14.08
C LEU A 244 12.99 -13.90 -15.23
N HIS A 245 12.61 -14.78 -16.14
CA HIS A 245 11.78 -14.41 -17.28
C HIS A 245 10.43 -15.08 -17.08
N GLU A 246 9.44 -14.68 -17.85
CA GLU A 246 8.13 -15.28 -17.71
C GLU A 246 8.14 -16.78 -18.03
N LYS A 247 9.00 -17.19 -18.97
CA LYS A 247 9.04 -18.58 -19.38
C LYS A 247 10.26 -19.36 -18.94
N ALA A 248 11.15 -18.72 -18.19
CA ALA A 248 12.34 -19.43 -17.75
C ALA A 248 13.25 -18.63 -16.84
N VAL A 249 14.10 -19.36 -16.11
CA VAL A 249 15.08 -18.77 -15.22
C VAL A 249 16.42 -19.04 -15.89
N LEU A 250 17.21 -17.99 -16.13
CA LEU A 250 18.51 -18.18 -16.77
C LEU A 250 19.65 -18.12 -15.78
N PHE A 251 20.61 -19.04 -15.94
CA PHE A 251 21.80 -19.07 -15.09
C PHE A 251 22.97 -18.64 -15.95
N CYS A 252 23.67 -17.62 -15.51
CA CYS A 252 24.82 -17.12 -16.25
C CYS A 252 25.97 -16.95 -15.31
N LYS A 253 27.17 -16.87 -15.86
CA LYS A 253 28.37 -16.68 -15.06
C LYS A 253 29.03 -15.36 -15.46
N LYS A 254 29.29 -14.53 -14.46
CA LYS A 254 29.91 -13.24 -14.69
C LYS A 254 31.29 -13.40 -15.30
N ARG A 255 31.42 -13.13 -16.60
CA ARG A 255 32.72 -13.20 -17.24
C ARG A 255 33.54 -12.05 -16.66
N GLU A 256 34.81 -12.29 -16.38
CA GLU A 256 35.65 -11.23 -15.83
C GLU A 256 36.96 -11.08 -16.60
N GLU A 257 36.83 -10.86 -17.91
CA GLU A 257 37.97 -10.69 -18.80
C GLU A 257 37.78 -9.41 -19.63
N ASN A 258 38.65 -8.44 -19.40
CA ASN A 258 38.61 -7.16 -20.10
C ASN A 258 39.27 -7.21 -21.48
N GLY A 259 40.60 -7.32 -21.48
CA GLY A 259 41.35 -7.36 -22.73
C GLY A 259 41.80 -5.97 -23.11
N GLU A 260 41.70 -5.63 -24.40
CA GLU A 260 42.08 -4.31 -24.88
C GLU A 260 40.85 -3.41 -24.86
N GLY A 261 41.05 -2.12 -24.60
CA GLY A 261 39.94 -1.18 -24.53
C GLY A 261 39.30 -1.30 -23.16
N TYR A 262 39.44 -2.49 -22.58
CA TYR A 262 38.92 -2.82 -21.25
C TYR A 262 37.44 -2.53 -21.04
N GLU A 263 36.60 -3.45 -21.50
CA GLU A 263 35.17 -3.33 -21.32
C GLU A 263 34.92 -3.65 -19.85
N LYS A 264 34.86 -2.62 -19.02
CA LYS A 264 34.67 -2.78 -17.59
C LYS A 264 33.31 -3.29 -17.14
N ALA A 265 32.26 -2.97 -17.89
CA ALA A 265 30.93 -3.45 -17.52
C ALA A 265 30.93 -4.96 -17.70
N PRO A 266 30.65 -5.70 -16.62
CA PRO A 266 30.63 -7.17 -16.66
C PRO A 266 29.68 -7.76 -17.68
N SER A 267 30.10 -8.85 -18.31
CA SER A 267 29.26 -9.53 -19.28
C SER A 267 28.94 -10.89 -18.66
N PHE A 268 27.93 -11.58 -19.18
CA PHE A 268 27.59 -12.88 -18.61
C PHE A 268 27.60 -13.99 -19.61
N SER A 269 28.02 -15.17 -19.16
CA SER A 269 28.04 -16.33 -20.04
C SER A 269 26.86 -17.21 -19.70
N TYR A 270 26.02 -17.43 -20.69
CA TYR A 270 24.86 -18.27 -20.52
C TYR A 270 25.32 -19.66 -20.14
N LYS A 271 24.67 -20.28 -19.15
CA LYS A 271 25.03 -21.62 -18.69
C LYS A 271 23.89 -22.61 -18.89
N GLN A 272 22.69 -22.22 -18.48
CA GLN A 272 21.51 -23.07 -18.62
C GLN A 272 20.21 -22.33 -18.29
N SER A 273 19.10 -22.92 -18.72
CA SER A 273 17.77 -22.37 -18.50
C SER A 273 16.93 -23.39 -17.76
N LEU A 274 16.05 -22.90 -16.89
CA LEU A 274 15.13 -23.79 -16.20
C LEU A 274 13.79 -23.32 -16.76
N ASN A 275 13.13 -24.19 -17.50
CA ASN A 275 11.83 -23.86 -18.09
C ASN A 275 10.82 -23.67 -16.96
N MET A 276 10.15 -22.52 -16.92
CA MET A 276 9.18 -22.27 -15.85
C MET A 276 8.12 -23.34 -15.66
N THR A 277 7.69 -24.00 -16.74
CA THR A 277 6.64 -25.03 -16.62
C THR A 277 7.03 -26.19 -15.72
N ALA A 278 8.32 -26.37 -15.49
CA ALA A 278 8.80 -27.45 -14.63
C ALA A 278 9.43 -26.91 -13.35
N VAL A 279 9.43 -25.58 -13.19
CA VAL A 279 10.02 -24.95 -12.00
C VAL A 279 9.12 -24.99 -10.77
N GLY A 280 9.75 -25.22 -9.62
CA GLY A 280 9.04 -25.26 -8.36
C GLY A 280 9.84 -24.38 -7.42
N ILE A 281 9.30 -24.09 -6.24
CA ILE A 281 10.02 -23.21 -5.32
C ILE A 281 9.78 -23.57 -3.86
N THR A 282 10.79 -23.37 -3.04
CA THR A 282 10.71 -23.62 -1.60
C THR A 282 11.06 -22.29 -0.95
N GLU A 283 10.13 -21.74 -0.20
CA GLU A 283 10.28 -20.43 0.41
C GLU A 283 11.26 -20.25 1.55
N ASN A 284 11.42 -21.27 2.39
CA ASN A 284 12.32 -21.10 3.52
C ASN A 284 13.35 -22.20 3.68
N VAL A 285 14.60 -21.78 3.90
CA VAL A 285 15.71 -22.69 4.09
C VAL A 285 16.27 -22.44 5.49
N LYS A 286 16.45 -23.52 6.24
CA LYS A 286 16.95 -23.44 7.61
C LYS A 286 18.28 -22.70 7.72
N GLY A 287 18.38 -21.84 8.73
CA GLY A 287 19.62 -21.11 8.98
C GLY A 287 19.87 -19.79 8.25
N ASP A 288 19.01 -19.40 7.30
CA ASP A 288 19.22 -18.16 6.58
C ASP A 288 17.94 -17.59 5.98
N THR A 289 17.47 -16.49 6.54
CA THR A 289 16.26 -15.85 6.05
C THR A 289 16.38 -15.37 4.61
N LYS A 290 17.60 -15.25 4.10
CA LYS A 290 17.74 -14.80 2.72
C LYS A 290 17.99 -15.90 1.71
N LYS A 291 17.79 -17.15 2.13
CA LYS A 291 17.95 -18.27 1.22
C LYS A 291 16.57 -18.77 0.83
N PHE A 292 16.48 -19.37 -0.36
CA PHE A 292 15.24 -19.94 -0.85
C PHE A 292 15.65 -20.91 -1.94
N GLU A 293 14.75 -21.78 -2.38
CA GLU A 293 15.13 -22.73 -3.41
C GLU A 293 14.32 -22.65 -4.68
N ILE A 294 14.99 -22.83 -5.80
CA ILE A 294 14.36 -22.89 -7.10
C ILE A 294 14.67 -24.34 -7.51
N TRP A 295 13.68 -25.22 -7.48
CA TRP A 295 13.95 -26.61 -7.90
C TRP A 295 13.34 -26.89 -9.27
N TYR A 296 13.75 -28.01 -9.86
CA TYR A 296 13.32 -28.39 -11.21
C TYR A 296 12.87 -29.86 -11.29
N ASN A 297 11.86 -30.13 -12.10
CA ASN A 297 11.32 -31.48 -12.26
C ASN A 297 11.18 -32.23 -10.93
N ALA A 298 10.17 -31.83 -10.17
CA ALA A 298 9.90 -32.44 -8.88
C ALA A 298 11.15 -32.64 -8.04
N ARG A 299 12.11 -31.72 -8.19
CA ARG A 299 13.35 -31.76 -7.42
C ARG A 299 14.50 -32.63 -7.89
N GLU A 300 14.49 -33.08 -9.14
CA GLU A 300 15.61 -33.89 -9.60
C GLU A 300 16.79 -32.93 -9.64
N GLU A 301 16.48 -31.64 -9.57
CA GLU A 301 17.47 -30.58 -9.56
C GLU A 301 17.03 -29.54 -8.53
N VAL A 302 17.91 -29.22 -7.59
CA VAL A 302 17.59 -28.25 -6.55
C VAL A 302 18.68 -27.20 -6.38
N TYR A 303 18.32 -25.93 -6.56
CA TYR A 303 19.28 -24.86 -6.39
C TYR A 303 18.96 -24.03 -5.17
N ILE A 304 19.93 -23.92 -4.28
CA ILE A 304 19.77 -23.14 -3.05
C ILE A 304 20.36 -21.78 -3.35
N ILE A 305 19.49 -20.77 -3.43
CA ILE A 305 19.90 -19.42 -3.75
C ILE A 305 19.97 -18.57 -2.49
N GLN A 306 21.06 -17.83 -2.33
CA GLN A 306 21.18 -16.96 -1.18
C GLN A 306 21.16 -15.52 -1.70
N ALA A 307 20.08 -14.81 -1.43
CA ALA A 307 19.96 -13.43 -1.86
C ALA A 307 20.83 -12.54 -0.98
N PRO A 308 21.27 -11.39 -1.52
CA PRO A 308 22.11 -10.48 -0.73
C PRO A 308 21.38 -9.90 0.49
N THR A 309 20.05 -9.88 0.43
CA THR A 309 19.26 -9.39 1.57
C THR A 309 17.95 -10.16 1.66
N PRO A 310 17.26 -10.08 2.81
CA PRO A 310 15.99 -10.79 2.96
C PRO A 310 14.93 -10.16 2.07
N GLU A 311 15.11 -8.90 1.72
CA GLU A 311 14.13 -8.21 0.89
C GLU A 311 14.22 -8.71 -0.54
N ILE A 312 15.44 -8.92 -1.02
CA ILE A 312 15.65 -9.39 -2.39
C ILE A 312 15.09 -10.80 -2.51
N LYS A 313 15.30 -11.58 -1.44
CA LYS A 313 14.81 -12.95 -1.40
C LYS A 313 13.29 -12.94 -1.50
N ALA A 314 12.67 -12.05 -0.73
CA ALA A 314 11.21 -11.94 -0.72
C ALA A 314 10.68 -11.49 -2.07
N ALA A 315 11.39 -10.58 -2.71
CA ALA A 315 10.98 -10.10 -4.02
C ALA A 315 11.05 -11.21 -5.06
N TRP A 316 12.10 -12.02 -4.98
CA TRP A 316 12.23 -13.11 -5.95
C TRP A 316 11.13 -14.12 -5.77
N VAL A 317 10.92 -14.53 -4.53
CA VAL A 317 9.87 -15.49 -4.21
C VAL A 317 8.51 -15.02 -4.73
N ASN A 318 8.16 -13.76 -4.44
CA ASN A 318 6.88 -13.23 -4.90
C ASN A 318 6.76 -13.16 -6.39
N GLU A 319 7.85 -12.84 -7.06
CA GLU A 319 7.83 -12.75 -8.52
C GLU A 319 7.66 -14.14 -9.11
N ILE A 320 8.38 -15.12 -8.55
CA ILE A 320 8.29 -16.50 -9.04
C ILE A 320 6.84 -16.96 -8.86
N ARG A 321 6.29 -16.72 -7.67
CA ARG A 321 4.92 -17.12 -7.38
C ARG A 321 3.90 -16.48 -8.33
N LYS A 322 4.11 -15.21 -8.71
CA LYS A 322 3.18 -14.59 -9.66
C LYS A 322 3.27 -15.31 -11.00
N VAL A 323 4.48 -15.72 -11.38
CA VAL A 323 4.68 -16.42 -12.65
C VAL A 323 4.07 -17.81 -12.59
N LEU A 324 4.27 -18.51 -11.47
CA LEU A 324 3.68 -19.83 -11.32
C LEU A 324 2.16 -19.74 -11.30
N THR A 325 1.65 -18.66 -10.74
CA THR A 325 0.21 -18.44 -10.66
C THR A 325 -0.37 -18.16 -12.05
N SER A 326 0.30 -17.33 -12.84
CA SER A 326 -0.18 -17.02 -14.19
C SER A 326 -0.05 -18.24 -15.09
N GLN A 327 0.99 -19.01 -14.87
CA GLN A 327 1.22 -20.21 -15.67
C GLN A 327 0.06 -21.18 -15.47
N LEU A 328 -0.42 -21.26 -14.23
CA LEU A 328 -1.52 -22.14 -13.88
C LEU A 328 -2.81 -21.65 -14.51
N GLN A 329 -3.07 -20.36 -14.37
CA GLN A 329 -4.28 -19.76 -14.93
C GLN A 329 -4.27 -19.95 -16.43
N ALA A 330 -3.15 -19.65 -17.07
CA ALA A 330 -3.01 -19.80 -18.52
C ALA A 330 -3.25 -21.25 -18.92
N CYS A 331 -2.55 -22.15 -18.24
CA CYS A 331 -2.66 -23.58 -18.51
C CYS A 331 -4.11 -24.06 -18.40
N ARG A 332 -4.86 -23.44 -17.47
CA ARG A 332 -6.25 -23.79 -17.23
C ARG A 332 -7.19 -23.27 -18.30
N GLU A 333 -6.98 -22.03 -18.73
CA GLU A 333 -7.81 -21.42 -19.76
C GLU A 333 -7.60 -22.16 -21.06
N ALA A 334 -6.46 -22.83 -21.17
CA ALA A 334 -6.12 -23.59 -22.37
C ALA A 334 -6.91 -24.90 -22.42
N SER A 335 -6.95 -25.60 -21.29
CA SER A 335 -7.67 -26.88 -21.21
C SER A 335 -9.17 -26.70 -21.41
N GLN A 336 -9.70 -25.55 -20.98
CA GLN A 336 -11.13 -25.25 -21.13
C GLN A 336 -11.51 -24.95 -22.57
N HIS A 337 -10.55 -24.46 -23.36
CA HIS A 337 -10.79 -24.18 -24.78
C HIS A 337 -10.62 -25.49 -25.54
N ARG A 338 -9.98 -26.46 -24.89
CA ARG A 338 -9.76 -27.78 -25.46
C ARG A 338 -10.94 -28.64 -25.06
N ALA A 339 -11.40 -28.45 -23.83
CA ALA A 339 -12.53 -29.19 -23.28
C ALA A 339 -13.84 -28.67 -23.85
N LEU A 340 -13.83 -27.43 -24.36
CA LEU A 340 -15.03 -26.85 -24.94
C LEU A 340 -15.18 -27.42 -26.34
N GLU A 341 -14.64 -28.63 -26.52
CA GLU A 341 -14.70 -29.35 -27.79
C GLU A 341 -15.75 -30.45 -27.66
N GLN A 342 -16.42 -30.48 -26.53
CA GLN A 342 -17.46 -31.47 -26.25
C GLN A 342 -18.70 -31.14 -27.08
N SER A 343 -18.51 -30.99 -28.39
CA SER A 343 -19.60 -30.68 -29.31
C SER A 343 -19.78 -31.80 -30.34
N HIS A 344 -19.03 -32.89 -30.17
CA HIS A 344 -19.10 -34.03 -31.08
C HIS A 344 -18.75 -33.63 -32.51
N MET B 1 42.15 24.11 -21.70
CA MET B 1 42.19 24.22 -20.25
C MET B 1 41.94 22.84 -19.64
N GLN B 2 42.94 22.32 -18.92
CA GLN B 2 42.81 21.00 -18.31
C GLN B 2 41.64 20.92 -17.32
N THR B 3 40.99 19.76 -17.30
CA THR B 3 39.85 19.53 -16.43
C THR B 3 40.07 18.34 -15.51
N ILE B 4 39.67 18.49 -14.26
CA ILE B 4 39.77 17.42 -13.28
C ILE B 4 38.37 16.95 -12.96
N LYS B 5 38.03 15.75 -13.43
CA LYS B 5 36.71 15.20 -13.17
C LYS B 5 36.69 14.50 -11.81
N CYS B 6 35.86 15.03 -10.92
CA CYS B 6 35.70 14.50 -9.57
C CYS B 6 34.28 13.97 -9.40
N VAL B 7 34.15 12.67 -9.17
CA VAL B 7 32.85 12.02 -8.99
C VAL B 7 32.66 11.60 -7.54
N VAL B 8 31.52 11.97 -6.98
CA VAL B 8 31.22 11.66 -5.58
C VAL B 8 30.30 10.44 -5.49
N VAL B 9 30.81 9.37 -4.89
CA VAL B 9 30.02 8.16 -4.73
C VAL B 9 29.79 7.88 -3.25
N GLY B 10 28.87 6.97 -2.97
CA GLY B 10 28.59 6.60 -1.59
C GLY B 10 27.11 6.31 -1.43
N ASP B 11 26.71 5.70 -0.31
CA ASP B 11 25.29 5.40 -0.09
C ASP B 11 24.43 6.66 -0.16
N GLY B 12 23.15 6.47 -0.47
CA GLY B 12 22.25 7.61 -0.49
C GLY B 12 22.18 8.04 0.96
N ALA B 13 21.79 9.27 1.22
CA ALA B 13 21.68 9.74 2.61
C ALA B 13 22.98 9.99 3.39
N VAL B 14 24.14 9.92 2.73
CA VAL B 14 25.36 10.24 3.48
C VAL B 14 25.68 11.71 3.25
N GLY B 15 24.81 12.36 2.48
CA GLY B 15 24.98 13.78 2.19
C GLY B 15 25.88 14.15 1.03
N LYS B 16 25.90 13.34 -0.03
CA LYS B 16 26.75 13.63 -1.20
C LYS B 16 26.33 14.94 -1.84
N THR B 17 25.04 15.05 -2.13
CA THR B 17 24.47 16.24 -2.75
C THR B 17 24.72 17.46 -1.85
N CYS B 18 24.36 17.30 -0.59
CA CYS B 18 24.48 18.31 0.45
C CYS B 18 25.89 18.91 0.54
N LEU B 19 26.86 18.02 0.47
CA LEU B 19 28.27 18.36 0.57
C LEU B 19 28.74 19.16 -0.65
N LEU B 20 28.23 18.79 -1.82
CA LEU B 20 28.58 19.49 -3.03
C LEU B 20 27.94 20.91 -3.05
N ILE B 21 26.68 21.00 -2.66
CA ILE B 21 25.97 22.27 -2.63
C ILE B 21 26.74 23.26 -1.75
N SER B 22 27.06 22.81 -0.54
CA SER B 22 27.78 23.63 0.42
C SER B 22 29.14 24.12 -0.05
N TYR B 23 29.86 23.28 -0.79
CA TYR B 23 31.17 23.67 -1.27
C TYR B 23 31.10 24.70 -2.41
N THR B 24 30.09 24.57 -3.26
CA THR B 24 29.94 25.47 -4.40
C THR B 24 29.20 26.77 -4.09
N THR B 25 28.32 26.75 -3.11
CA THR B 25 27.59 27.97 -2.77
C THR B 25 28.15 28.61 -1.51
N ASN B 26 29.16 27.99 -0.92
CA ASN B 26 29.82 28.52 0.27
C ASN B 26 28.87 28.85 1.42
N LYS B 27 27.67 28.26 1.39
CA LYS B 27 26.67 28.48 2.43
C LYS B 27 25.78 27.25 2.45
N PHE B 28 25.34 26.85 3.64
CA PHE B 28 24.48 25.68 3.76
C PHE B 28 23.01 26.02 3.59
N PRO B 29 22.28 25.24 2.77
CA PRO B 29 20.84 25.45 2.50
C PRO B 29 20.07 25.43 3.82
N SER B 30 19.69 26.61 4.29
CA SER B 30 18.97 26.74 5.56
C SER B 30 17.57 26.09 5.61
N GLU B 31 16.64 26.65 4.84
CA GLU B 31 15.26 26.18 4.84
C GLU B 31 14.88 25.06 3.86
N TYR B 32 15.74 24.80 2.88
CA TYR B 32 15.44 23.74 1.91
C TYR B 32 16.69 23.18 1.25
N VAL B 33 16.97 21.91 1.54
CA VAL B 33 18.13 21.25 0.96
C VAL B 33 17.77 20.75 -0.43
N PRO B 34 18.38 21.34 -1.47
CA PRO B 34 18.12 20.93 -2.86
C PRO B 34 18.40 19.45 -3.01
N THR B 35 17.64 18.83 -3.90
CA THR B 35 17.75 17.41 -4.21
C THR B 35 18.75 17.22 -5.36
N VAL B 36 18.70 18.16 -6.31
CA VAL B 36 19.54 18.12 -7.50
C VAL B 36 20.83 18.94 -7.47
N PHE B 37 21.89 18.35 -8.00
CA PHE B 37 23.18 19.01 -8.16
C PHE B 37 23.68 18.61 -9.55
N ASP B 38 23.49 19.48 -10.54
CA ASP B 38 23.95 19.20 -11.90
C ASP B 38 25.47 19.34 -12.00
N ASN B 39 26.06 18.68 -12.99
CA ASN B 39 27.51 18.75 -13.19
C ASN B 39 27.96 20.20 -13.05
N TYR B 40 28.95 20.45 -12.21
CA TYR B 40 29.42 21.81 -11.97
C TYR B 40 30.91 22.02 -12.22
N ALA B 41 31.24 23.17 -12.81
CA ALA B 41 32.61 23.51 -13.13
C ALA B 41 33.14 24.63 -12.25
N VAL B 42 34.12 24.31 -11.43
CA VAL B 42 34.73 25.29 -10.56
C VAL B 42 36.10 25.60 -11.12
N THR B 43 36.36 26.86 -11.44
CA THR B 43 37.69 27.19 -11.91
C THR B 43 38.60 27.28 -10.69
N VAL B 44 39.67 26.49 -10.71
CA VAL B 44 40.64 26.49 -9.63
C VAL B 44 42.01 26.87 -10.24
N MET B 45 42.88 27.46 -9.42
CA MET B 45 44.20 27.88 -9.87
C MET B 45 45.26 26.95 -9.31
N ILE B 46 45.92 26.21 -10.18
CA ILE B 46 46.97 25.29 -9.76
C ILE B 46 48.31 25.89 -10.17
N GLY B 47 49.10 26.30 -9.18
CA GLY B 47 50.39 26.89 -9.47
C GLY B 47 50.36 27.91 -10.60
N GLY B 48 49.50 28.91 -10.46
CA GLY B 48 49.38 29.96 -11.47
C GLY B 48 48.64 29.63 -12.76
N GLU B 49 48.21 28.39 -12.92
CA GLU B 49 47.49 27.98 -14.12
C GLU B 49 46.03 27.68 -13.80
N PRO B 50 45.12 28.02 -14.72
CA PRO B 50 43.69 27.77 -14.49
C PRO B 50 43.30 26.35 -14.88
N TYR B 51 42.55 25.71 -13.98
CA TYR B 51 42.03 24.36 -14.21
C TYR B 51 40.55 24.35 -13.91
N THR B 52 39.84 23.40 -14.51
CA THR B 52 38.42 23.27 -14.24
C THR B 52 38.23 22.06 -13.32
N LEU B 53 37.68 22.27 -12.12
CA LEU B 53 37.37 21.14 -11.25
C LEU B 53 35.93 20.82 -11.65
N GLY B 54 35.73 19.68 -12.31
CA GLY B 54 34.40 19.27 -12.72
C GLY B 54 33.80 18.37 -11.65
N LEU B 55 32.79 18.88 -10.94
CA LEU B 55 32.13 18.12 -9.87
C LEU B 55 30.90 17.35 -10.34
N PHE B 56 30.83 16.07 -9.97
CA PHE B 56 29.70 15.22 -10.34
C PHE B 56 29.10 14.50 -9.14
N ASP B 57 27.80 14.65 -8.98
CA ASP B 57 27.05 14.01 -7.88
C ASP B 57 26.52 12.71 -8.50
N THR B 58 26.18 11.74 -7.65
CA THR B 58 25.65 10.48 -8.13
C THR B 58 24.32 10.17 -7.45
N ALA B 59 23.89 11.06 -6.56
CA ALA B 59 22.62 10.88 -5.84
C ALA B 59 21.49 10.33 -6.72
N GLY B 60 20.78 9.33 -6.22
CA GLY B 60 19.68 8.72 -6.96
C GLY B 60 20.03 7.54 -7.84
N GLN B 61 21.32 7.25 -7.97
CA GLN B 61 21.79 6.17 -8.83
C GLN B 61 22.28 4.99 -8.02
N GLU B 62 22.42 5.19 -6.70
CA GLU B 62 22.91 4.15 -5.79
C GLU B 62 22.34 2.75 -5.96
N ASP B 63 21.09 2.62 -6.41
CA ASP B 63 20.48 1.29 -6.57
C ASP B 63 20.57 0.65 -7.95
N TYR B 64 21.10 1.36 -8.93
CA TYR B 64 21.15 0.79 -10.28
C TYR B 64 22.58 0.51 -10.71
N ASP B 65 22.99 -0.74 -10.50
CA ASP B 65 24.36 -1.13 -10.82
C ASP B 65 24.80 -1.01 -12.28
N ARG B 66 23.86 -0.73 -13.18
CA ARG B 66 24.17 -0.56 -14.61
C ARG B 66 24.17 0.92 -15.04
N LEU B 67 23.37 1.75 -14.39
CA LEU B 67 23.30 3.16 -14.75
C LEU B 67 24.43 3.91 -14.05
N ARG B 68 24.62 3.55 -12.79
CA ARG B 68 25.62 4.10 -11.90
C ARG B 68 27.03 4.22 -12.53
N PRO B 69 27.55 3.13 -13.11
CA PRO B 69 28.89 3.18 -13.71
C PRO B 69 29.04 4.06 -14.95
N LEU B 70 27.92 4.41 -15.57
CA LEU B 70 27.99 5.25 -16.76
C LEU B 70 28.70 6.60 -16.48
N SER B 71 28.82 6.95 -15.21
CA SER B 71 29.46 8.20 -14.80
C SER B 71 30.97 8.06 -14.58
N TYR B 72 31.44 6.83 -14.40
CA TYR B 72 32.85 6.60 -14.10
C TYR B 72 33.93 6.98 -15.11
N PRO B 73 33.71 6.70 -16.40
CA PRO B 73 34.71 7.02 -17.43
C PRO B 73 35.29 8.43 -17.36
N GLN B 74 36.61 8.52 -17.54
CA GLN B 74 37.35 9.78 -17.53
C GLN B 74 37.45 10.43 -16.15
N THR B 75 37.18 9.67 -15.09
CA THR B 75 37.25 10.27 -13.76
C THR B 75 38.70 10.40 -13.33
N ASP B 76 39.04 11.56 -12.80
CA ASP B 76 40.40 11.82 -12.35
C ASP B 76 40.54 11.56 -10.86
N VAL B 77 39.43 11.65 -10.13
CA VAL B 77 39.48 11.39 -8.70
C VAL B 77 38.08 11.13 -8.15
N PHE B 78 37.99 10.12 -7.30
CA PHE B 78 36.72 9.73 -6.68
C PHE B 78 36.71 10.13 -5.21
N LEU B 79 35.54 10.57 -4.75
CA LEU B 79 35.38 10.89 -3.35
C LEU B 79 34.43 9.79 -2.87
N VAL B 80 34.93 8.86 -2.07
CA VAL B 80 34.10 7.77 -1.57
C VAL B 80 33.59 8.21 -0.20
N CYS B 81 32.30 8.50 -0.13
CA CYS B 81 31.69 9.00 1.08
C CYS B 81 30.85 8.05 1.91
N PHE B 82 30.93 8.24 3.21
CA PHE B 82 30.12 7.48 4.16
C PHE B 82 29.92 8.50 5.28
N SER B 83 28.80 8.40 5.98
CA SER B 83 28.53 9.30 7.09
C SER B 83 29.15 8.70 8.35
N VAL B 84 29.88 9.51 9.12
CA VAL B 84 30.50 9.01 10.34
C VAL B 84 29.46 8.59 11.39
N VAL B 85 28.17 8.81 11.15
CA VAL B 85 27.16 8.38 12.10
C VAL B 85 26.22 7.35 11.48
N SER B 86 26.72 6.68 10.44
CA SER B 86 25.98 5.63 9.74
C SER B 86 26.96 4.48 9.48
N PRO B 87 27.04 3.52 10.42
CA PRO B 87 27.94 2.36 10.28
C PRO B 87 27.68 1.56 9.01
N SER B 88 26.45 1.55 8.54
CA SER B 88 26.16 0.79 7.33
C SER B 88 26.75 1.44 6.08
N SER B 89 26.74 2.78 6.02
CA SER B 89 27.30 3.47 4.85
C SER B 89 28.80 3.23 4.85
N PHE B 90 29.35 3.08 6.06
CA PHE B 90 30.76 2.83 6.25
C PHE B 90 31.08 1.41 5.77
N GLU B 91 30.20 0.48 6.10
CA GLU B 91 30.38 -0.90 5.73
C GLU B 91 30.34 -1.03 4.22
N ASN B 92 29.48 -0.24 3.59
CA ASN B 92 29.35 -0.29 2.13
C ASN B 92 30.54 0.26 1.39
N VAL B 93 31.38 1.02 2.08
CA VAL B 93 32.58 1.57 1.46
C VAL B 93 33.49 0.43 1.00
N LYS B 94 33.82 -0.49 1.93
CA LYS B 94 34.69 -1.61 1.58
C LYS B 94 33.93 -2.72 0.88
N GLU B 95 32.64 -2.84 1.18
CA GLU B 95 31.81 -3.88 0.62
C GLU B 95 31.22 -3.62 -0.76
N LYS B 96 31.00 -2.35 -1.11
CA LYS B 96 30.40 -2.04 -2.40
C LYS B 96 31.13 -1.00 -3.23
N TRP B 97 31.30 0.19 -2.68
CA TRP B 97 31.93 1.29 -3.41
C TRP B 97 33.38 1.15 -3.87
N VAL B 98 34.31 0.91 -2.96
CA VAL B 98 35.71 0.79 -3.39
C VAL B 98 35.91 -0.35 -4.40
N PRO B 99 35.31 -1.52 -4.15
CA PRO B 99 35.49 -2.62 -5.11
C PRO B 99 35.06 -2.18 -6.51
N GLU B 100 33.89 -1.56 -6.60
CA GLU B 100 33.33 -1.10 -7.87
C GLU B 100 34.16 -0.03 -8.61
N ILE B 101 34.55 1.06 -7.96
CA ILE B 101 35.32 2.08 -8.67
C ILE B 101 36.74 1.60 -8.95
N THR B 102 37.20 0.65 -8.15
CA THR B 102 38.52 0.06 -8.32
C THR B 102 38.51 -0.78 -9.61
N HIS B 103 37.44 -1.53 -9.79
CA HIS B 103 37.29 -2.37 -10.97
C HIS B 103 37.19 -1.52 -12.25
N HIS B 104 36.30 -0.53 -12.24
CA HIS B 104 36.10 0.33 -13.40
C HIS B 104 37.26 1.29 -13.66
N CYS B 105 37.85 1.84 -12.59
CA CYS B 105 38.93 2.80 -12.76
C CYS B 105 40.13 2.43 -11.88
N PRO B 106 40.88 1.39 -12.28
CA PRO B 106 42.06 0.86 -11.59
C PRO B 106 43.16 1.87 -11.29
N LYS B 107 43.42 2.75 -12.26
CA LYS B 107 44.46 3.76 -12.11
C LYS B 107 43.98 5.05 -11.47
N THR B 108 42.69 5.15 -11.24
CA THR B 108 42.11 6.36 -10.66
C THR B 108 42.14 6.41 -9.15
N PRO B 109 42.83 7.42 -8.59
CA PRO B 109 42.95 7.60 -7.14
C PRO B 109 41.59 7.99 -6.55
N PHE B 110 41.38 7.69 -5.27
CA PHE B 110 40.11 8.02 -4.62
C PHE B 110 40.41 8.35 -3.17
N LEU B 111 39.57 9.17 -2.56
CA LEU B 111 39.72 9.56 -1.17
C LEU B 111 38.59 8.94 -0.38
N LEU B 112 38.81 8.74 0.90
CA LEU B 112 37.78 8.20 1.76
C LEU B 112 37.26 9.46 2.45
N VAL B 113 35.96 9.71 2.34
CA VAL B 113 35.42 10.90 2.94
C VAL B 113 34.32 10.62 3.96
N GLY B 114 34.59 11.00 5.20
CA GLY B 114 33.59 10.80 6.23
C GLY B 114 32.79 12.08 6.32
N THR B 115 31.47 11.97 6.35
CA THR B 115 30.63 13.16 6.40
C THR B 115 29.77 13.25 7.67
N GLN B 116 29.12 14.40 7.82
CA GLN B 116 28.25 14.63 8.95
C GLN B 116 28.99 14.50 10.26
N ILE B 117 30.24 14.96 10.28
CA ILE B 117 31.02 14.87 11.50
C ILE B 117 30.38 15.73 12.60
N ASP B 118 29.54 16.69 12.20
CA ASP B 118 28.89 17.57 13.17
C ASP B 118 27.84 16.82 14.00
N LEU B 119 27.42 15.65 13.52
CA LEU B 119 26.47 14.83 14.26
C LEU B 119 27.19 13.88 15.21
N ARG B 120 28.42 13.51 14.86
CA ARG B 120 29.21 12.59 15.68
C ARG B 120 29.13 12.89 17.17
N ASP B 121 29.15 14.17 17.52
CA ASP B 121 29.04 14.59 18.92
C ASP B 121 27.68 15.23 19.14
N ASP B 122 26.65 14.40 19.05
CA ASP B 122 25.28 14.84 19.24
C ASP B 122 24.56 13.75 20.02
N PRO B 123 24.08 14.08 21.23
CA PRO B 123 23.36 13.17 22.10
C PRO B 123 22.34 12.30 21.38
N SER B 124 21.34 12.96 20.79
CA SER B 124 20.28 12.26 20.07
C SER B 124 20.84 11.21 19.11
N THR B 125 21.86 11.59 18.33
CA THR B 125 22.46 10.66 17.39
C THR B 125 23.14 9.51 18.12
N ILE B 126 24.02 9.84 19.07
CA ILE B 126 24.73 8.82 19.85
C ILE B 126 23.69 7.83 20.34
N GLU B 127 22.66 8.42 20.92
CA GLU B 127 21.51 7.75 21.49
C GLU B 127 20.83 6.78 20.53
N LYS B 128 20.42 7.30 19.37
CA LYS B 128 19.76 6.49 18.36
C LYS B 128 20.59 5.28 18.00
N LEU B 129 21.88 5.50 17.76
CA LEU B 129 22.79 4.43 17.41
C LEU B 129 22.86 3.39 18.51
N ALA B 130 22.85 3.85 19.75
CA ALA B 130 22.90 2.94 20.90
C ALA B 130 21.77 1.92 20.85
N LYS B 131 20.58 2.36 20.45
CA LYS B 131 19.40 1.49 20.34
C LYS B 131 19.63 0.31 19.40
N ASN B 132 20.77 0.30 18.71
CA ASN B 132 21.10 -0.77 17.79
C ASN B 132 22.53 -1.21 18.06
N LYS B 133 22.97 -0.91 19.27
CA LYS B 133 24.32 -1.25 19.76
C LYS B 133 25.43 -0.68 18.88
N GLN B 134 25.13 0.40 18.16
CA GLN B 134 26.12 1.01 17.29
C GLN B 134 26.66 2.32 17.82
N LYS B 135 27.84 2.70 17.34
CA LYS B 135 28.51 3.94 17.74
C LYS B 135 29.03 4.67 16.49
N PRO B 136 29.26 5.99 16.59
CA PRO B 136 29.77 6.71 15.41
C PRO B 136 31.18 6.21 15.04
N ILE B 137 31.57 6.36 13.78
CA ILE B 137 32.91 5.94 13.37
C ILE B 137 33.94 6.99 13.77
N THR B 138 35.02 6.53 14.38
CA THR B 138 36.10 7.40 14.82
C THR B 138 37.08 7.63 13.70
N PRO B 139 37.82 8.75 13.74
CA PRO B 139 38.80 9.04 12.69
C PRO B 139 39.79 7.87 12.55
N GLU B 140 40.22 7.31 13.67
CA GLU B 140 41.17 6.19 13.67
C GLU B 140 40.64 5.01 12.86
N THR B 141 39.42 4.59 13.15
CA THR B 141 38.81 3.48 12.44
C THR B 141 38.84 3.74 10.93
N ALA B 142 38.31 4.91 10.55
CA ALA B 142 38.23 5.34 9.16
C ALA B 142 39.59 5.41 8.48
N GLU B 143 40.58 5.90 9.22
CA GLU B 143 41.93 6.00 8.68
C GLU B 143 42.50 4.62 8.40
N LYS B 144 42.14 3.67 9.25
CA LYS B 144 42.61 2.30 9.09
C LYS B 144 42.00 1.71 7.83
N LEU B 145 40.70 1.93 7.65
CA LEU B 145 40.02 1.40 6.48
C LEU B 145 40.63 2.02 5.22
N ALA B 146 40.97 3.30 5.30
CA ALA B 146 41.55 4.00 4.16
C ALA B 146 42.88 3.38 3.78
N ARG B 147 43.71 3.07 4.78
CA ARG B 147 45.01 2.45 4.54
C ARG B 147 44.82 1.07 3.93
N ASP B 148 43.88 0.32 4.50
CA ASP B 148 43.60 -1.03 4.02
C ASP B 148 43.01 -1.08 2.60
N LEU B 149 42.16 -0.12 2.25
CA LEU B 149 41.55 -0.10 0.93
C LEU B 149 42.42 0.61 -0.11
N LYS B 150 43.55 1.15 0.34
CA LYS B 150 44.47 1.84 -0.55
C LYS B 150 43.92 3.18 -1.02
N ALA B 151 43.16 3.83 -0.17
CA ALA B 151 42.64 5.15 -0.49
C ALA B 151 43.84 6.07 -0.36
N VAL B 152 43.94 7.05 -1.24
CA VAL B 152 45.04 7.99 -1.17
C VAL B 152 45.14 8.53 0.26
N LYS B 153 44.00 8.70 0.90
CA LYS B 153 43.99 9.23 2.26
C LYS B 153 42.55 9.37 2.76
N TYR B 154 42.41 9.67 4.05
CA TYR B 154 41.08 9.84 4.63
C TYR B 154 40.89 11.28 5.05
N VAL B 155 39.74 11.84 4.69
CA VAL B 155 39.36 13.21 5.09
C VAL B 155 37.89 13.17 5.55
N GLU B 156 37.51 14.07 6.45
CA GLU B 156 36.14 14.13 6.93
C GLU B 156 35.70 15.59 7.06
N CYS B 157 34.40 15.82 6.93
CA CYS B 157 33.87 17.18 6.99
C CYS B 157 32.41 17.26 7.43
N SER B 158 31.88 18.46 7.45
CA SER B 158 30.49 18.70 7.81
C SER B 158 29.97 19.70 6.79
N ALA B 159 28.96 19.33 6.01
CA ALA B 159 28.42 20.26 5.02
C ALA B 159 27.71 21.38 5.76
N LEU B 160 27.20 21.05 6.94
CA LEU B 160 26.48 22.01 7.76
C LEU B 160 27.39 23.11 8.28
N THR B 161 28.48 22.75 8.96
CA THR B 161 29.39 23.76 9.51
C THR B 161 30.53 24.12 8.56
N GLN B 162 30.72 23.29 7.53
CA GLN B 162 31.77 23.49 6.53
C GLN B 162 33.19 23.14 7.03
N LYS B 163 33.25 22.58 8.23
CA LYS B 163 34.54 22.21 8.79
C LYS B 163 35.20 21.13 7.93
N GLY B 164 36.40 21.43 7.43
CA GLY B 164 37.14 20.51 6.58
C GLY B 164 36.61 20.38 5.17
N LEU B 165 35.53 21.10 4.87
CA LEU B 165 34.94 20.99 3.55
C LEU B 165 35.92 21.37 2.45
N LYS B 166 36.44 22.59 2.52
CA LYS B 166 37.39 23.05 1.51
C LYS B 166 38.56 22.07 1.35
N ASN B 167 39.07 21.61 2.49
CA ASN B 167 40.18 20.69 2.48
C ASN B 167 39.93 19.37 1.74
N VAL B 168 38.69 18.90 1.79
CA VAL B 168 38.35 17.67 1.10
C VAL B 168 38.68 17.82 -0.37
N PHE B 169 38.24 18.92 -0.95
CA PHE B 169 38.46 19.12 -2.37
C PHE B 169 39.88 19.48 -2.75
N ASP B 170 40.62 20.13 -1.86
CA ASP B 170 42.02 20.46 -2.16
C ASP B 170 42.75 19.13 -2.28
N GLU B 171 42.45 18.22 -1.35
CA GLU B 171 43.05 16.89 -1.35
C GLU B 171 42.68 16.14 -2.62
N ALA B 172 41.46 16.34 -3.09
CA ALA B 172 41.02 15.69 -4.32
C ALA B 172 41.81 16.22 -5.51
N ILE B 173 42.15 17.51 -5.47
CA ILE B 173 42.91 18.13 -6.54
C ILE B 173 44.32 17.55 -6.54
N LEU B 174 44.92 17.54 -5.36
CA LEU B 174 46.26 17.01 -5.18
C LEU B 174 46.31 15.55 -5.66
N ALA B 175 45.33 14.75 -5.26
CA ALA B 175 45.31 13.36 -5.68
C ALA B 175 45.23 13.24 -7.21
N ALA B 176 44.43 14.11 -7.81
CA ALA B 176 44.26 14.08 -9.25
C ALA B 176 45.49 14.52 -10.04
N LEU B 177 46.38 15.29 -9.42
CA LEU B 177 47.57 15.75 -10.14
C LEU B 177 48.73 14.75 -10.12
N GLU B 178 48.54 13.64 -9.43
CA GLU B 178 49.58 12.62 -9.35
C GLU B 178 49.60 11.73 -10.59
N PRO B 179 50.80 11.33 -11.04
CA PRO B 179 50.93 10.46 -12.23
C PRO B 179 50.20 9.13 -12.05
N PRO B 180 49.33 8.77 -13.02
CA PRO B 180 48.50 7.54 -13.07
C PRO B 180 49.13 6.24 -12.58
N GLU B 181 49.17 6.08 -11.26
CA GLU B 181 49.74 4.92 -10.61
C GLU B 181 48.64 4.02 -10.04
N PRO B 182 48.89 2.70 -9.97
CA PRO B 182 47.90 1.76 -9.42
C PRO B 182 47.89 1.78 -7.90
N LYS B 183 46.70 1.67 -7.31
CA LYS B 183 46.52 1.68 -5.85
C LYS B 183 47.73 1.13 -5.06
N LYS B 184 48.45 2.03 -4.39
CA LYS B 184 49.63 1.65 -3.60
C LYS B 184 49.35 1.76 -2.11
N SER B 185 49.93 0.86 -1.32
CA SER B 185 49.75 0.82 0.13
C SER B 185 50.16 2.13 0.81
N ARG B 186 49.34 2.61 1.74
CA ARG B 186 49.61 3.87 2.45
C ARG B 186 50.19 3.70 3.86
N ARG B 187 51.05 4.64 4.24
CA ARG B 187 51.69 4.61 5.56
C ARG B 187 50.76 5.14 6.65
N SER B 188 51.33 5.78 7.67
CA SER B 188 50.56 6.32 8.78
C SER B 188 49.68 5.24 9.40
N GLU C 3 1.44 -28.12 -3.83
CA GLU C 3 1.65 -26.79 -4.40
C GLU C 3 0.64 -25.72 -3.96
N GLU C 4 1.20 -24.58 -3.60
CA GLU C 4 0.41 -23.46 -3.13
C GLU C 4 -0.48 -22.85 -4.21
N GLU C 5 0.07 -22.63 -5.40
CA GLU C 5 -0.70 -22.04 -6.51
C GLU C 5 -1.99 -22.79 -6.82
N GLU C 6 -1.94 -24.11 -6.76
CA GLU C 6 -3.11 -24.93 -7.05
C GLU C 6 -4.16 -24.89 -5.94
N SER C 7 -3.70 -24.88 -4.69
CA SER C 7 -4.61 -24.83 -3.56
C SER C 7 -5.41 -23.53 -3.51
N LEU C 8 -4.71 -22.44 -3.81
CA LEU C 8 -5.28 -21.11 -3.81
C LEU C 8 -6.26 -20.93 -4.97
N ALA C 9 -6.04 -21.65 -6.06
CA ALA C 9 -6.93 -21.57 -7.21
C ALA C 9 -8.25 -22.23 -6.84
N ILE C 10 -8.15 -23.37 -6.16
CA ILE C 10 -9.32 -24.12 -5.70
C ILE C 10 -10.12 -23.26 -4.73
N LEU C 11 -9.41 -22.65 -3.78
CA LEU C 11 -10.04 -21.80 -2.77
C LEU C 11 -10.69 -20.58 -3.40
N ARG C 12 -10.05 -20.01 -4.42
CA ARG C 12 -10.62 -18.86 -5.10
C ARG C 12 -11.95 -19.27 -5.74
N ARG C 13 -12.01 -20.51 -6.20
CA ARG C 13 -13.23 -21.00 -6.82
C ARG C 13 -14.31 -21.21 -5.77
N HIS C 14 -13.93 -21.68 -4.60
CA HIS C 14 -14.89 -21.87 -3.52
C HIS C 14 -15.53 -20.51 -3.19
N VAL C 15 -14.71 -19.46 -3.10
CA VAL C 15 -15.24 -18.14 -2.77
C VAL C 15 -16.12 -17.63 -3.91
N MET C 16 -15.71 -17.89 -5.15
CA MET C 16 -16.49 -17.45 -6.28
C MET C 16 -17.83 -18.18 -6.28
N ASN C 17 -17.82 -19.49 -6.02
CA ASN C 17 -19.06 -20.27 -5.99
C ASN C 17 -20.00 -19.75 -4.91
N GLU C 18 -19.48 -19.49 -3.71
CA GLU C 18 -20.33 -18.99 -2.65
C GLU C 18 -20.83 -17.58 -2.96
N LEU C 19 -20.00 -16.77 -3.60
CA LEU C 19 -20.40 -15.43 -3.93
C LEU C 19 -21.60 -15.49 -4.87
N LEU C 20 -21.51 -16.39 -5.85
CA LEU C 20 -22.55 -16.60 -6.85
C LEU C 20 -23.82 -17.28 -6.33
N ASP C 21 -23.68 -18.34 -5.53
CA ASP C 21 -24.87 -19.01 -5.00
C ASP C 21 -25.63 -18.05 -4.12
N THR C 22 -24.94 -17.41 -3.18
CA THR C 22 -25.60 -16.50 -2.27
C THR C 22 -26.20 -15.33 -3.02
N GLU C 23 -25.59 -14.94 -4.13
CA GLU C 23 -26.10 -13.82 -4.94
C GLU C 23 -27.45 -14.21 -5.57
N ARG C 24 -27.53 -15.42 -6.10
CA ARG C 24 -28.77 -15.89 -6.70
C ARG C 24 -29.87 -16.02 -5.64
N ALA C 25 -29.53 -16.64 -4.50
CA ALA C 25 -30.47 -16.81 -3.42
C ALA C 25 -31.02 -15.43 -3.06
N TYR C 26 -30.11 -14.48 -2.88
CA TYR C 26 -30.46 -13.12 -2.51
C TYR C 26 -31.47 -12.53 -3.50
N VAL C 27 -31.09 -12.53 -4.78
CA VAL C 27 -31.93 -12.01 -5.85
C VAL C 27 -33.31 -12.65 -5.81
N GLU C 28 -33.31 -13.97 -5.72
CA GLU C 28 -34.50 -14.79 -5.66
C GLU C 28 -35.35 -14.54 -4.43
N GLU C 29 -34.70 -14.29 -3.30
CA GLU C 29 -35.40 -14.02 -2.06
C GLU C 29 -36.02 -12.63 -2.06
N LEU C 30 -35.44 -11.71 -2.81
CA LEU C 30 -36.01 -10.37 -2.85
C LEU C 30 -37.27 -10.43 -3.72
N LEU C 31 -37.15 -11.05 -4.89
CA LEU C 31 -38.26 -11.20 -5.82
C LEU C 31 -39.44 -11.89 -5.13
N CYS C 32 -39.11 -12.99 -4.46
CA CYS C 32 -40.06 -13.79 -3.72
C CYS C 32 -40.92 -12.97 -2.76
N VAL C 33 -40.33 -11.95 -2.17
CA VAL C 33 -41.03 -11.10 -1.21
C VAL C 33 -41.69 -9.89 -1.88
N LEU C 34 -41.10 -9.41 -2.97
CA LEU C 34 -41.67 -8.28 -3.68
C LEU C 34 -42.96 -8.74 -4.36
N GLU C 35 -43.04 -10.02 -4.69
CA GLU C 35 -44.22 -10.57 -5.32
C GLU C 35 -45.15 -11.23 -4.31
N GLY C 36 -44.58 -11.87 -3.29
CA GLY C 36 -45.37 -12.55 -2.29
C GLY C 36 -46.02 -11.69 -1.23
N TYR C 37 -45.52 -10.46 -1.07
CA TYR C 37 -46.08 -9.52 -0.10
C TYR C 37 -46.39 -8.19 -0.74
N ALA C 38 -45.36 -7.44 -1.12
CA ALA C 38 -45.53 -6.12 -1.74
C ALA C 38 -46.61 -6.07 -2.82
N ALA C 39 -46.58 -7.03 -3.74
CA ALA C 39 -47.54 -7.11 -4.83
C ALA C 39 -48.93 -7.41 -4.28
N GLU C 40 -48.99 -8.37 -3.36
CA GLU C 40 -50.26 -8.76 -2.75
C GLU C 40 -51.00 -7.63 -2.05
N MET C 41 -50.30 -6.53 -1.78
CA MET C 41 -50.91 -5.37 -1.15
C MET C 41 -51.72 -4.60 -2.18
N ASP C 42 -51.78 -5.13 -3.40
CA ASP C 42 -52.53 -4.52 -4.49
C ASP C 42 -53.51 -5.51 -5.08
N ASN C 43 -53.40 -6.77 -4.64
CA ASN C 43 -54.28 -7.82 -5.10
C ASN C 43 -55.66 -7.65 -4.45
N PRO C 44 -56.69 -7.35 -5.24
CA PRO C 44 -58.06 -7.16 -4.76
C PRO C 44 -58.58 -8.33 -3.92
N LEU C 45 -58.20 -9.54 -4.29
CA LEU C 45 -58.62 -10.74 -3.59
C LEU C 45 -58.09 -10.73 -2.16
N MET C 46 -57.13 -9.85 -1.89
CA MET C 46 -56.53 -9.73 -0.56
C MET C 46 -56.95 -8.41 0.10
N ALA C 47 -57.47 -7.49 -0.70
CA ALA C 47 -57.90 -6.17 -0.23
C ALA C 47 -58.80 -6.20 1.02
N HIS C 48 -59.35 -7.38 1.30
CA HIS C 48 -60.24 -7.56 2.44
C HIS C 48 -59.48 -7.91 3.71
N LEU C 49 -58.14 -7.90 3.62
CA LEU C 49 -57.27 -8.22 4.76
C LEU C 49 -56.32 -7.07 5.08
N ILE C 50 -56.37 -6.02 4.28
CA ILE C 50 -55.49 -4.88 4.47
C ILE C 50 -56.20 -3.54 4.26
N SER C 51 -56.01 -2.62 5.19
CA SER C 51 -56.63 -1.29 5.12
C SER C 51 -55.94 -0.49 4.04
N THR C 52 -56.50 0.67 3.73
CA THR C 52 -55.92 1.54 2.72
C THR C 52 -54.75 2.27 3.37
N GLY C 53 -54.82 2.43 4.69
CA GLY C 53 -53.76 3.10 5.43
C GLY C 53 -52.46 2.35 5.29
N LEU C 54 -52.52 1.04 5.48
CA LEU C 54 -51.34 0.18 5.38
C LEU C 54 -50.91 0.10 3.91
N GLN C 55 -51.85 -0.25 3.05
CA GLN C 55 -51.59 -0.38 1.63
C GLN C 55 -50.85 0.84 1.06
N ASN C 56 -51.08 2.01 1.64
CA ASN C 56 -50.41 3.21 1.17
C ASN C 56 -49.01 3.34 1.71
N LYS C 57 -48.69 2.54 2.72
CA LYS C 57 -47.37 2.58 3.35
C LYS C 57 -46.42 1.51 2.83
N LYS C 58 -46.77 0.87 1.72
CA LYS C 58 -45.93 -0.15 1.12
C LYS C 58 -44.47 0.31 0.97
N ASN C 59 -44.30 1.51 0.45
CA ASN C 59 -42.98 2.07 0.25
C ASN C 59 -42.18 2.29 1.55
N ILE C 60 -42.90 2.50 2.66
CA ILE C 60 -42.24 2.70 3.94
C ILE C 60 -41.76 1.35 4.45
N LEU C 61 -42.59 0.35 4.21
CA LEU C 61 -42.30 -1.02 4.62
C LEU C 61 -41.15 -1.64 3.84
N PHE C 62 -41.17 -1.48 2.52
CA PHE C 62 -40.14 -2.06 1.65
C PHE C 62 -39.01 -1.12 1.22
N GLY C 63 -39.10 0.17 1.55
CA GLY C 63 -38.06 1.09 1.15
C GLY C 63 -37.82 0.90 -0.34
N ASN C 64 -36.57 1.04 -0.77
CA ASN C 64 -36.25 0.86 -2.18
C ASN C 64 -35.82 -0.55 -2.53
N MET C 65 -36.36 -1.53 -1.82
CA MET C 65 -35.99 -2.91 -2.09
C MET C 65 -36.09 -3.26 -3.56
N GLU C 66 -37.14 -2.78 -4.23
CA GLU C 66 -37.30 -3.10 -5.65
C GLU C 66 -36.14 -2.59 -6.49
N GLU C 67 -35.76 -1.34 -6.28
CA GLU C 67 -34.64 -0.77 -7.02
C GLU C 67 -33.45 -1.71 -6.84
N ILE C 68 -33.15 -2.01 -5.59
CA ILE C 68 -32.05 -2.90 -5.26
C ILE C 68 -32.22 -4.24 -5.98
N TYR C 69 -33.42 -4.81 -5.96
CA TYR C 69 -33.67 -6.07 -6.64
C TYR C 69 -33.29 -5.94 -8.11
N HIS C 70 -33.66 -4.81 -8.69
CA HIS C 70 -33.40 -4.53 -10.09
C HIS C 70 -31.90 -4.56 -10.43
N PHE C 71 -31.12 -3.79 -9.69
CA PHE C 71 -29.68 -3.72 -9.87
C PHE C 71 -29.04 -5.09 -9.90
N HIS C 72 -29.31 -5.89 -8.88
CA HIS C 72 -28.70 -7.20 -8.81
C HIS C 72 -29.21 -8.18 -9.85
N ASN C 73 -30.51 -8.15 -10.10
CA ASN C 73 -31.13 -9.05 -11.06
C ASN C 73 -30.73 -8.77 -12.52
N ARG C 74 -30.64 -7.50 -12.87
CA ARG C 74 -30.29 -7.11 -14.23
C ARG C 74 -28.79 -6.94 -14.46
N ILE C 75 -28.15 -6.20 -13.57
CA ILE C 75 -26.72 -5.91 -13.70
C ILE C 75 -25.75 -6.84 -12.98
N PHE C 76 -25.67 -6.70 -11.66
CA PHE C 76 -24.70 -7.45 -10.86
C PHE C 76 -24.59 -8.95 -10.98
N LEU C 77 -25.66 -9.68 -10.75
CA LEU C 77 -25.56 -11.14 -10.85
C LEU C 77 -24.97 -11.53 -12.20
N ARG C 78 -25.39 -10.83 -13.25
CA ARG C 78 -24.91 -11.10 -14.60
C ARG C 78 -23.39 -10.95 -14.67
N GLU C 79 -22.91 -9.81 -14.18
CA GLU C 79 -21.48 -9.50 -14.18
C GLU C 79 -20.67 -10.41 -13.28
N LEU C 80 -21.21 -10.74 -12.11
CA LEU C 80 -20.50 -11.64 -11.22
C LEU C 80 -20.29 -12.95 -11.94
N GLU C 81 -21.34 -13.41 -12.61
CA GLU C 81 -21.27 -14.66 -13.34
C GLU C 81 -20.29 -14.60 -14.50
N SER C 82 -19.94 -13.40 -14.93
CA SER C 82 -19.00 -13.29 -16.03
C SER C 82 -17.56 -13.42 -15.50
N CYS C 83 -17.41 -13.83 -14.25
CA CYS C 83 -16.10 -14.01 -13.63
C CYS C 83 -15.87 -15.41 -13.13
N ILE C 84 -16.67 -16.37 -13.59
CA ILE C 84 -16.51 -17.74 -13.12
C ILE C 84 -15.15 -18.37 -13.43
N ASP C 85 -14.63 -18.11 -14.62
CA ASP C 85 -13.35 -18.68 -15.01
C ASP C 85 -12.14 -17.92 -14.47
N CYS C 86 -12.38 -16.73 -13.93
CA CYS C 86 -11.31 -15.94 -13.36
C CYS C 86 -11.81 -15.14 -12.17
N PRO C 87 -12.10 -15.83 -11.07
CA PRO C 87 -12.60 -15.18 -9.86
C PRO C 87 -11.83 -13.96 -9.39
N GLU C 88 -10.51 -13.97 -9.54
CA GLU C 88 -9.68 -12.84 -9.12
C GLU C 88 -10.17 -11.53 -9.70
N LEU C 89 -10.81 -11.61 -10.86
CA LEU C 89 -11.28 -10.41 -11.53
C LEU C 89 -12.59 -9.88 -11.01
N VAL C 90 -13.16 -10.55 -10.01
CA VAL C 90 -14.43 -10.10 -9.49
C VAL C 90 -14.32 -8.72 -8.82
N GLY C 91 -13.10 -8.35 -8.41
CA GLY C 91 -12.90 -7.06 -7.79
C GLY C 91 -13.21 -5.94 -8.78
N ARG C 92 -13.09 -6.25 -10.06
CA ARG C 92 -13.35 -5.26 -11.09
C ARG C 92 -14.86 -5.04 -11.26
N CYS C 93 -15.63 -6.09 -11.00
CA CYS C 93 -17.09 -6.01 -11.09
C CYS C 93 -17.57 -4.99 -10.09
N PHE C 94 -17.03 -5.08 -8.87
CA PHE C 94 -17.41 -4.14 -7.84
C PHE C 94 -16.98 -2.73 -8.20
N LEU C 95 -15.73 -2.56 -8.64
CA LEU C 95 -15.23 -1.23 -9.00
C LEU C 95 -16.04 -0.61 -10.15
N GLU C 96 -16.44 -1.46 -11.09
CA GLU C 96 -17.21 -1.01 -12.23
C GLU C 96 -18.64 -0.60 -11.86
N ARG C 97 -19.07 -0.91 -10.64
CA ARG C 97 -20.42 -0.58 -10.21
C ARG C 97 -20.50 0.09 -8.85
N MET C 98 -19.40 0.65 -8.37
CA MET C 98 -19.42 1.27 -7.06
C MET C 98 -20.53 2.26 -6.80
N GLU C 99 -20.87 3.08 -7.79
CA GLU C 99 -21.93 4.05 -7.63
C GLU C 99 -23.29 3.42 -7.36
N GLU C 100 -23.62 2.39 -8.14
CA GLU C 100 -24.89 1.71 -7.97
C GLU C 100 -25.13 1.29 -6.53
N PHE C 101 -24.08 0.82 -5.86
CA PHE C 101 -24.19 0.40 -4.48
C PHE C 101 -24.61 1.50 -3.53
N GLN C 102 -24.73 2.74 -4.03
CA GLN C 102 -25.15 3.85 -3.17
C GLN C 102 -26.58 3.68 -2.71
N ILE C 103 -27.36 2.94 -3.49
CA ILE C 103 -28.75 2.70 -3.18
C ILE C 103 -28.97 2.08 -1.78
N TYR C 104 -27.97 1.40 -1.25
CA TYR C 104 -28.11 0.77 0.06
C TYR C 104 -28.20 1.79 1.18
N GLU C 105 -27.73 3.00 0.92
CA GLU C 105 -27.75 4.05 1.94
C GLU C 105 -29.19 4.47 2.20
N LYS C 106 -29.99 4.51 1.15
CA LYS C 106 -31.41 4.87 1.27
C LYS C 106 -32.14 3.75 2.02
N TYR C 107 -31.91 2.50 1.61
CA TYR C 107 -32.56 1.38 2.25
C TYR C 107 -32.30 1.35 3.76
N CYS C 108 -31.02 1.34 4.14
CA CYS C 108 -30.66 1.29 5.54
C CYS C 108 -31.21 2.41 6.38
N GLN C 109 -31.22 3.62 5.83
CA GLN C 109 -31.74 4.76 6.58
C GLN C 109 -33.24 4.62 6.84
N ASN C 110 -33.90 3.95 5.92
CA ASN C 110 -35.33 3.74 6.03
C ASN C 110 -35.73 2.49 6.84
N LYS C 111 -34.78 1.59 7.07
CA LYS C 111 -35.09 0.36 7.80
C LYS C 111 -35.69 0.57 9.20
N PRO C 112 -35.12 1.48 10.02
CA PRO C 112 -35.74 1.63 11.34
C PRO C 112 -37.19 2.12 11.22
N ARG C 113 -37.45 2.90 10.18
CA ARG C 113 -38.78 3.43 9.90
C ARG C 113 -39.70 2.23 9.61
N SER C 114 -39.26 1.38 8.69
CA SER C 114 -39.99 0.18 8.32
C SER C 114 -40.22 -0.72 9.54
N GLU C 115 -39.24 -0.79 10.43
CA GLU C 115 -39.38 -1.62 11.63
C GLU C 115 -40.51 -1.10 12.51
N SER C 116 -40.46 0.19 12.81
CA SER C 116 -41.45 0.83 13.66
C SER C 116 -42.85 0.53 13.15
N LEU C 117 -42.99 0.52 11.83
CA LEU C 117 -44.26 0.23 11.17
C LEU C 117 -44.60 -1.24 11.35
N TRP C 118 -43.63 -2.10 11.10
CA TRP C 118 -43.83 -3.53 11.22
C TRP C 118 -44.29 -3.92 12.62
N ARG C 119 -43.74 -3.25 13.63
CA ARG C 119 -44.11 -3.53 15.01
C ARG C 119 -45.62 -3.44 15.22
N GLN C 120 -46.24 -2.49 14.53
CA GLN C 120 -47.66 -2.27 14.65
C GLN C 120 -48.55 -3.24 13.88
N CYS C 121 -48.20 -3.50 12.63
CA CYS C 121 -49.02 -4.37 11.78
C CYS C 121 -48.54 -5.81 11.56
N SER C 122 -47.48 -6.23 12.24
CA SER C 122 -46.98 -7.59 12.06
C SER C 122 -48.06 -8.63 12.35
N ASP C 123 -49.04 -8.23 13.16
CA ASP C 123 -50.15 -9.10 13.55
C ASP C 123 -51.24 -9.18 12.47
N CYS C 124 -51.34 -8.13 11.65
CA CYS C 124 -52.33 -8.05 10.57
C CYS C 124 -52.46 -9.37 9.79
N PRO C 125 -53.70 -9.90 9.70
CA PRO C 125 -54.00 -11.15 8.99
C PRO C 125 -53.42 -11.20 7.58
N PHE C 126 -53.28 -10.05 6.95
CA PHE C 126 -52.73 -9.98 5.61
C PHE C 126 -51.38 -10.68 5.52
N PHE C 127 -50.48 -10.36 6.45
CA PHE C 127 -49.16 -10.94 6.45
C PHE C 127 -49.14 -12.42 6.78
N GLN C 128 -49.89 -12.81 7.82
CA GLN C 128 -49.94 -14.22 8.20
C GLN C 128 -50.44 -15.01 7.01
N GLU C 129 -51.26 -14.35 6.19
CA GLU C 129 -51.84 -14.97 5.00
C GLU C 129 -50.84 -15.10 3.86
N CYS C 130 -50.16 -14.00 3.54
CA CYS C 130 -49.16 -14.03 2.48
C CYS C 130 -48.09 -15.05 2.81
N GLN C 131 -47.75 -15.15 4.08
CA GLN C 131 -46.72 -16.08 4.53
C GLN C 131 -47.15 -17.51 4.23
N LYS C 132 -48.37 -17.85 4.62
CA LYS C 132 -48.92 -19.19 4.39
C LYS C 132 -48.88 -19.55 2.90
N LYS C 133 -49.32 -18.63 2.05
CA LYS C 133 -49.29 -18.89 0.62
C LYS C 133 -47.84 -19.15 0.16
N LEU C 134 -46.89 -18.40 0.71
CA LEU C 134 -45.47 -18.56 0.36
C LEU C 134 -44.83 -19.76 1.04
N ASP C 135 -45.50 -20.29 2.06
CA ASP C 135 -45.00 -21.43 2.81
C ASP C 135 -43.67 -21.05 3.50
N HIS C 136 -43.62 -19.83 4.02
CA HIS C 136 -42.44 -19.30 4.71
C HIS C 136 -42.52 -19.55 6.20
N LYS C 137 -41.42 -20.01 6.80
CA LYS C 137 -41.44 -20.24 8.23
C LYS C 137 -40.97 -19.00 8.95
N LEU C 138 -40.33 -18.11 8.20
CA LEU C 138 -39.82 -16.86 8.75
C LEU C 138 -40.68 -15.70 8.26
N SER C 139 -40.79 -14.67 9.09
CA SER C 139 -41.62 -13.50 8.77
C SER C 139 -41.05 -12.57 7.69
N LEU C 140 -41.89 -11.70 7.17
CA LEU C 140 -41.47 -10.74 6.17
C LEU C 140 -40.27 -9.94 6.69
N ASP C 141 -40.33 -9.61 7.98
CA ASP C 141 -39.29 -8.83 8.63
C ASP C 141 -37.89 -9.41 8.38
N SER C 142 -37.75 -10.72 8.47
CA SER C 142 -36.46 -11.35 8.25
C SER C 142 -35.98 -11.14 6.81
N TYR C 143 -36.91 -11.06 5.86
CA TYR C 143 -36.54 -10.82 4.47
C TYR C 143 -36.21 -9.35 4.24
N LEU C 144 -36.83 -8.45 5.00
CA LEU C 144 -36.55 -7.03 4.85
C LEU C 144 -35.15 -6.74 5.38
N LEU C 145 -34.60 -7.66 6.17
CA LEU C 145 -33.25 -7.51 6.72
C LEU C 145 -32.16 -7.88 5.71
N LYS C 146 -32.54 -8.70 4.73
CA LYS C 146 -31.62 -9.21 3.73
C LYS C 146 -30.65 -8.21 3.08
N PRO C 147 -31.15 -7.06 2.60
CA PRO C 147 -30.26 -6.08 1.97
C PRO C 147 -29.18 -5.59 2.93
N VAL C 148 -29.55 -5.43 4.20
CA VAL C 148 -28.59 -5.00 5.21
C VAL C 148 -27.52 -6.08 5.39
N GLN C 149 -27.95 -7.34 5.38
CA GLN C 149 -27.02 -8.45 5.57
C GLN C 149 -26.13 -8.65 4.34
N ARG C 150 -26.72 -8.47 3.16
CA ARG C 150 -25.98 -8.65 1.91
C ARG C 150 -24.85 -7.64 1.75
N ILE C 151 -25.16 -6.35 1.94
CA ILE C 151 -24.15 -5.33 1.77
C ILE C 151 -23.04 -5.54 2.80
N THR C 152 -23.39 -6.08 3.96
CA THR C 152 -22.37 -6.34 4.97
C THR C 152 -21.70 -7.72 4.86
N LYS C 153 -21.83 -8.38 3.70
CA LYS C 153 -21.19 -9.69 3.48
C LYS C 153 -20.16 -9.51 2.37
N TYR C 154 -20.42 -8.54 1.49
CA TYR C 154 -19.54 -8.24 0.37
C TYR C 154 -18.10 -7.94 0.79
N GLN C 155 -17.91 -7.28 1.93
CA GLN C 155 -16.54 -7.00 2.33
C GLN C 155 -15.90 -8.31 2.80
N LEU C 156 -16.67 -9.17 3.48
CA LEU C 156 -16.15 -10.45 3.95
C LEU C 156 -15.74 -11.30 2.76
N LEU C 157 -16.61 -11.39 1.75
CA LEU C 157 -16.33 -12.19 0.56
C LEU C 157 -15.12 -11.67 -0.22
N LEU C 158 -15.02 -10.36 -0.36
CA LEU C 158 -13.89 -9.77 -1.08
C LEU C 158 -12.60 -10.00 -0.30
N LYS C 159 -12.63 -9.77 1.01
CA LYS C 159 -11.45 -9.99 1.83
C LYS C 159 -10.98 -11.43 1.63
N GLU C 160 -11.93 -12.35 1.62
CA GLU C 160 -11.64 -13.76 1.44
C GLU C 160 -10.98 -14.02 0.07
N MET C 161 -11.55 -13.43 -0.97
CA MET C 161 -11.00 -13.60 -2.31
C MET C 161 -9.58 -13.07 -2.39
N LEU C 162 -9.37 -11.87 -1.83
CA LEU C 162 -8.06 -11.23 -1.82
C LEU C 162 -7.04 -12.11 -1.09
N LYS C 163 -7.49 -12.79 -0.04
CA LYS C 163 -6.61 -13.65 0.74
C LYS C 163 -5.97 -14.73 -0.15
N TYR C 164 -6.74 -15.27 -1.09
CA TYR C 164 -6.25 -16.33 -1.97
C TYR C 164 -5.84 -15.79 -3.34
N SER C 165 -5.64 -14.49 -3.45
CA SER C 165 -5.30 -13.92 -4.74
C SER C 165 -4.03 -13.05 -4.75
N LYS C 166 -3.25 -13.10 -3.68
CA LYS C 166 -2.05 -12.28 -3.57
C LYS C 166 -1.12 -12.24 -4.79
N HIS C 167 -0.94 -13.38 -5.45
CA HIS C 167 -0.05 -13.43 -6.60
C HIS C 167 -0.78 -13.45 -7.92
N CYS C 168 -2.07 -13.12 -7.86
CA CYS C 168 -2.92 -13.09 -9.04
C CYS C 168 -2.95 -11.75 -9.74
N GLU C 169 -3.26 -11.80 -11.02
CA GLU C 169 -3.41 -10.62 -11.85
C GLU C 169 -4.77 -10.13 -11.34
N GLY C 170 -4.80 -8.98 -10.67
CA GLY C 170 -6.08 -8.49 -10.17
C GLY C 170 -6.16 -8.29 -8.67
N ALA C 171 -5.06 -8.59 -7.97
CA ALA C 171 -4.97 -8.44 -6.53
C ALA C 171 -5.19 -6.99 -6.11
N GLU C 172 -4.63 -6.06 -6.87
CA GLU C 172 -4.79 -4.64 -6.59
C GLU C 172 -6.26 -4.24 -6.69
N ASP C 173 -6.92 -4.68 -7.76
CA ASP C 173 -8.33 -4.37 -7.95
C ASP C 173 -9.19 -4.96 -6.83
N LEU C 174 -8.82 -6.14 -6.34
CA LEU C 174 -9.55 -6.75 -5.25
C LEU C 174 -9.42 -5.86 -4.02
N GLN C 175 -8.19 -5.50 -3.68
CA GLN C 175 -7.93 -4.64 -2.53
C GLN C 175 -8.65 -3.30 -2.65
N GLU C 176 -8.79 -2.81 -3.86
CA GLU C 176 -9.47 -1.53 -4.09
C GLU C 176 -10.97 -1.72 -3.91
N ALA C 177 -11.49 -2.84 -4.41
CA ALA C 177 -12.92 -3.12 -4.29
C ALA C 177 -13.24 -3.26 -2.79
N LEU C 178 -12.41 -4.02 -2.09
CA LEU C 178 -12.62 -4.21 -0.67
C LEU C 178 -12.68 -2.85 0.03
N SER C 179 -11.71 -1.98 -0.26
CA SER C 179 -11.67 -0.66 0.37
C SER C 179 -12.87 0.20 0.04
N SER C 180 -13.35 0.12 -1.19
CA SER C 180 -14.50 0.90 -1.59
C SER C 180 -15.78 0.42 -0.87
N ILE C 181 -15.96 -0.89 -0.81
CA ILE C 181 -17.11 -1.45 -0.14
C ILE C 181 -17.07 -1.03 1.33
N LEU C 182 -15.89 -1.15 1.94
CA LEU C 182 -15.74 -0.74 3.34
C LEU C 182 -16.03 0.74 3.50
N GLY C 183 -15.79 1.49 2.44
CA GLY C 183 -16.03 2.93 2.46
C GLY C 183 -17.52 3.18 2.44
N ILE C 184 -18.22 2.44 1.59
CA ILE C 184 -19.65 2.60 1.51
C ILE C 184 -20.31 2.22 2.85
N LEU C 185 -19.86 1.12 3.43
CA LEU C 185 -20.43 0.68 4.70
C LEU C 185 -20.25 1.78 5.75
N LYS C 186 -19.08 2.40 5.78
CA LYS C 186 -18.80 3.48 6.73
C LYS C 186 -19.72 4.69 6.47
N ALA C 187 -19.83 5.08 5.20
CA ALA C 187 -20.67 6.21 4.82
C ALA C 187 -22.12 5.96 5.25
N VAL C 188 -22.62 4.76 4.98
CA VAL C 188 -23.98 4.41 5.37
C VAL C 188 -24.09 4.47 6.90
N ASN C 189 -23.22 3.75 7.58
CA ASN C 189 -23.27 3.75 9.03
C ASN C 189 -23.10 5.16 9.58
N ASP C 190 -22.22 5.96 8.97
CA ASP C 190 -22.01 7.32 9.46
C ASP C 190 -23.30 8.11 9.27
N SER C 191 -23.94 7.98 8.12
CA SER C 191 -25.16 8.73 7.86
C SER C 191 -26.33 8.39 8.78
N MET C 192 -26.36 7.17 9.29
CA MET C 192 -27.46 6.78 10.17
C MET C 192 -27.35 7.60 11.45
N HIS C 193 -26.14 8.04 11.78
CA HIS C 193 -25.93 8.84 12.98
C HIS C 193 -26.32 10.27 12.71
N LEU C 194 -26.03 10.73 11.50
CA LEU C 194 -26.34 12.10 11.10
C LEU C 194 -27.84 12.41 11.15
N ILE C 195 -28.65 11.49 10.63
CA ILE C 195 -30.09 11.71 10.62
C ILE C 195 -30.71 11.52 12.00
N ALA C 196 -29.89 11.19 12.97
CA ALA C 196 -30.36 11.00 14.35
C ALA C 196 -30.10 12.26 15.16
N ILE C 197 -29.60 13.29 14.48
CA ILE C 197 -29.31 14.57 15.15
C ILE C 197 -30.57 15.41 15.26
N THR C 198 -30.86 15.85 16.48
CA THR C 198 -32.04 16.66 16.76
C THR C 198 -31.64 18.05 17.24
N GLY C 199 -32.50 19.02 16.97
CA GLY C 199 -32.25 20.37 17.41
C GLY C 199 -31.22 21.16 16.60
N TYR C 200 -31.05 20.80 15.33
CA TYR C 200 -30.11 21.55 14.52
C TYR C 200 -30.86 22.55 13.67
N ASP C 201 -30.91 23.79 14.16
CA ASP C 201 -31.60 24.85 13.45
C ASP C 201 -30.75 25.22 12.24
N GLY C 202 -31.10 24.63 11.10
CA GLY C 202 -30.36 24.88 9.89
C GLY C 202 -30.25 23.62 9.06
N ASN C 203 -29.69 23.74 7.86
CA ASN C 203 -29.54 22.61 6.97
C ASN C 203 -28.19 21.93 7.18
N LEU C 204 -28.22 20.65 7.57
CA LEU C 204 -26.99 19.90 7.81
C LEU C 204 -26.17 19.69 6.54
N GLY C 205 -26.86 19.70 5.40
CA GLY C 205 -26.18 19.53 4.13
C GLY C 205 -25.32 20.71 3.76
N ASP C 206 -25.47 21.83 4.47
CA ASP C 206 -24.66 23.01 4.17
C ASP C 206 -23.29 22.87 4.80
N LEU C 207 -23.13 21.82 5.60
CA LEU C 207 -21.86 21.58 6.28
C LEU C 207 -20.88 20.82 5.39
N GLY C 208 -21.39 20.23 4.33
CA GLY C 208 -20.54 19.47 3.44
C GLY C 208 -20.60 18.00 3.83
N LYS C 209 -19.81 17.19 3.15
CA LYS C 209 -19.78 15.75 3.44
C LYS C 209 -19.45 15.46 4.89
N LEU C 210 -20.09 14.42 5.43
CA LEU C 210 -19.82 13.98 6.79
C LEU C 210 -18.61 13.10 6.59
N LEU C 211 -17.52 13.46 7.24
CA LEU C 211 -16.29 12.71 7.08
C LEU C 211 -16.08 11.68 8.19
N MET C 212 -16.44 12.04 9.42
CA MET C 212 -16.27 11.14 10.56
C MET C 212 -17.29 11.46 11.66
N GLN C 213 -17.61 10.43 12.44
CA GLN C 213 -18.52 10.57 13.57
C GLN C 213 -18.12 9.58 14.65
N GLY C 214 -18.29 9.95 15.90
CA GLY C 214 -17.93 9.07 16.97
C GLY C 214 -18.23 9.62 18.35
N SER C 215 -18.10 8.76 19.34
CA SER C 215 -18.35 9.13 20.72
C SER C 215 -16.99 9.35 21.39
N PHE C 216 -16.87 10.43 22.13
CA PHE C 216 -15.61 10.74 22.80
C PHE C 216 -15.77 11.33 24.20
N SER C 217 -14.72 11.19 25.00
CA SER C 217 -14.67 11.77 26.33
C SER C 217 -14.01 13.11 26.03
N VAL C 218 -14.72 14.20 26.28
CA VAL C 218 -14.20 15.52 26.00
C VAL C 218 -13.90 16.37 27.24
N TRP C 219 -12.79 17.10 27.18
CA TRP C 219 -12.33 17.99 28.25
C TRP C 219 -12.17 19.37 27.62
N THR C 220 -11.97 20.39 28.43
CA THR C 220 -11.78 21.74 27.89
C THR C 220 -10.52 22.42 28.42
N ASP C 221 -10.34 23.69 28.05
CA ASP C 221 -9.18 24.50 28.46
C ASP C 221 -9.24 25.77 27.60
N HIS C 222 -10.28 26.57 27.81
CA HIS C 222 -10.50 27.78 27.02
C HIS C 222 -9.81 29.06 27.53
N LYS C 223 -10.43 30.20 27.26
CA LYS C 223 -9.92 31.52 27.65
C LYS C 223 -9.87 31.68 29.17
N GLU C 231 -20.68 25.23 27.36
CA GLU C 231 -20.50 24.28 28.45
C GLU C 231 -19.02 24.11 28.83
N LEU C 232 -18.51 25.04 29.64
CA LEU C 232 -17.13 25.02 30.11
C LEU C 232 -16.94 23.97 31.23
N ALA C 233 -16.32 22.84 30.88
CA ALA C 233 -16.09 21.75 31.82
C ALA C 233 -14.88 21.94 32.74
N ARG C 234 -14.67 20.98 33.63
CA ARG C 234 -13.55 21.04 34.57
C ARG C 234 -12.67 19.80 34.52
N PHE C 235 -12.69 19.00 35.59
CA PHE C 235 -11.85 17.81 35.64
C PHE C 235 -12.51 16.57 35.07
N LYS C 236 -13.82 16.46 35.25
CA LYS C 236 -14.58 15.31 34.76
C LYS C 236 -14.87 15.49 33.26
N PRO C 237 -14.45 14.52 32.43
CA PRO C 237 -14.65 14.56 30.97
C PRO C 237 -16.10 14.44 30.52
N MET C 238 -16.63 15.50 29.91
CA MET C 238 -18.01 15.48 29.42
C MET C 238 -18.10 14.73 28.10
N GLN C 239 -18.95 13.71 28.05
CA GLN C 239 -19.12 12.90 26.86
C GLN C 239 -19.83 13.64 25.73
N ARG C 240 -19.34 13.41 24.51
CA ARG C 240 -19.91 14.05 23.34
C ARG C 240 -19.76 13.17 22.10
N HIS C 241 -20.70 13.32 21.17
CA HIS C 241 -20.64 12.58 19.93
C HIS C 241 -20.32 13.65 18.90
N LEU C 242 -19.15 13.53 18.28
CA LEU C 242 -18.70 14.51 17.31
C LEU C 242 -18.99 14.15 15.88
N PHE C 243 -19.29 15.16 15.06
CA PHE C 243 -19.55 14.94 13.64
C PHE C 243 -18.60 15.83 12.87
N LEU C 244 -17.65 15.22 12.16
CA LEU C 244 -16.67 15.95 11.37
C LEU C 244 -17.15 16.15 9.94
N HIS C 245 -17.43 17.40 9.58
CA HIS C 245 -17.88 17.69 8.22
C HIS C 245 -16.77 18.51 7.56
N GLU C 246 -16.85 18.71 6.25
CA GLU C 246 -15.83 19.49 5.55
C GLU C 246 -15.77 20.91 6.07
N LYS C 247 -16.93 21.48 6.36
CA LYS C 247 -16.99 22.86 6.82
C LYS C 247 -17.08 23.08 8.33
N ALA C 248 -17.34 22.01 9.09
CA ALA C 248 -17.43 22.18 10.54
C ALA C 248 -17.29 20.90 11.35
N VAL C 249 -17.22 21.06 12.66
CA VAL C 249 -17.09 19.94 13.58
C VAL C 249 -18.22 20.08 14.57
N LEU C 250 -19.19 19.16 14.52
CA LEU C 250 -20.32 19.23 15.44
C LEU C 250 -20.18 18.47 16.76
N PHE C 251 -20.57 19.13 17.83
CA PHE C 251 -20.55 18.54 19.17
C PHE C 251 -22.00 18.25 19.50
N CYS C 252 -22.29 17.01 19.88
CA CYS C 252 -23.66 16.63 20.21
C CYS C 252 -23.75 15.87 21.53
N LYS C 253 -24.90 16.01 22.19
CA LYS C 253 -25.15 15.36 23.46
C LYS C 253 -25.92 14.07 23.19
N LYS C 254 -25.32 12.95 23.59
CA LYS C 254 -25.91 11.62 23.41
C LYS C 254 -27.21 11.42 24.18
N ARG C 255 -28.26 12.13 23.79
CA ARG C 255 -29.55 11.98 24.47
C ARG C 255 -29.99 10.55 24.35
N GLU C 256 -30.55 10.01 25.43
CA GLU C 256 -31.01 8.62 25.42
C GLU C 256 -32.53 8.56 25.33
N GLU C 257 -33.04 7.99 24.24
CA GLU C 257 -34.49 7.86 24.06
C GLU C 257 -34.90 6.41 24.32
N ASN C 258 -35.85 6.23 25.22
CA ASN C 258 -36.33 4.89 25.58
C ASN C 258 -37.76 4.65 25.10
N GLY C 259 -37.89 4.32 23.82
CA GLY C 259 -39.20 4.05 23.27
C GLY C 259 -39.40 2.58 23.00
N GLU C 260 -38.29 1.87 22.74
CA GLU C 260 -38.31 0.44 22.46
C GLU C 260 -39.08 0.20 21.17
N GLY C 261 -40.39 0.50 21.19
CA GLY C 261 -41.20 0.34 20.00
C GLY C 261 -40.93 1.50 19.07
N TYR C 262 -40.42 2.59 19.65
CA TYR C 262 -40.08 3.80 18.91
C TYR C 262 -38.59 4.13 19.08
N GLU C 263 -37.75 3.38 18.37
CA GLU C 263 -36.31 3.55 18.39
C GLU C 263 -35.64 3.59 19.77
N LYS C 264 -34.78 2.61 20.00
CA LYS C 264 -34.02 2.50 21.23
C LYS C 264 -32.67 3.10 20.83
N ALA C 265 -32.53 3.32 19.52
CA ALA C 265 -31.33 3.90 18.93
C ALA C 265 -31.16 5.31 19.47
N PRO C 266 -29.99 5.60 20.05
CA PRO C 266 -29.69 6.92 20.62
C PRO C 266 -29.80 8.06 19.61
N SER C 267 -30.33 9.19 20.05
CA SER C 267 -30.45 10.36 19.20
C SER C 267 -29.46 11.37 19.79
N PHE C 268 -29.12 12.41 19.03
CA PHE C 268 -28.18 13.38 19.56
C PHE C 268 -28.72 14.79 19.57
N SER C 269 -28.34 15.54 20.60
CA SER C 269 -28.77 16.92 20.72
C SER C 269 -27.62 17.82 20.29
N TYR C 270 -27.89 18.64 19.28
CA TYR C 270 -26.90 19.58 18.77
C TYR C 270 -26.53 20.56 19.89
N LYS C 271 -25.24 20.82 20.06
CA LYS C 271 -24.79 21.73 21.10
C LYS C 271 -24.09 22.95 20.50
N GLN C 272 -23.13 22.70 19.60
CA GLN C 272 -22.39 23.79 18.96
C GLN C 272 -21.57 23.32 17.77
N SER C 273 -21.17 24.27 16.93
CA SER C 273 -20.37 24.00 15.74
C SER C 273 -19.06 24.75 15.81
N LEU C 274 -18.01 24.13 15.29
CA LEU C 274 -16.71 24.76 15.21
C LEU C 274 -16.46 24.90 13.72
N ASN C 275 -16.51 26.12 13.22
CA ASN C 275 -16.29 26.39 11.79
C ASN C 275 -14.85 25.99 11.45
N MET C 276 -14.70 25.11 10.46
CA MET C 276 -13.37 24.64 10.08
C MET C 276 -12.37 25.75 9.78
N THR C 277 -12.81 26.82 9.14
CA THR C 277 -11.92 27.92 8.77
C THR C 277 -11.16 28.48 9.97
N ALA C 278 -11.67 28.28 11.18
CA ALA C 278 -11.00 28.79 12.37
C ALA C 278 -10.47 27.67 13.25
N VAL C 279 -10.68 26.43 12.82
CA VAL C 279 -10.22 25.26 13.57
C VAL C 279 -8.73 25.01 13.41
N GLY C 280 -8.10 24.57 14.49
CA GLY C 280 -6.69 24.25 14.49
C GLY C 280 -6.58 22.90 15.15
N ILE C 281 -5.39 22.30 15.17
CA ILE C 281 -5.24 20.98 15.81
C ILE C 281 -3.87 20.70 16.40
N THR C 282 -3.86 20.02 17.54
CA THR C 282 -2.64 19.63 18.23
C THR C 282 -2.64 18.11 18.24
N GLU C 283 -1.67 17.52 17.56
CA GLU C 283 -1.60 16.08 17.42
C GLU C 283 -1.26 15.21 18.63
N ASN C 284 -0.44 15.71 19.56
CA ASN C 284 -0.07 14.89 20.72
C ASN C 284 -0.27 15.54 22.07
N VAL C 285 -0.96 14.83 22.97
CA VAL C 285 -1.21 15.31 24.33
C VAL C 285 -0.49 14.38 25.29
N LYS C 286 0.28 14.97 26.22
CA LYS C 286 1.04 14.19 27.19
C LYS C 286 0.17 13.24 28.01
N GLY C 287 0.68 12.03 28.22
CA GLY C 287 -0.03 11.04 29.02
C GLY C 287 -1.01 10.11 28.33
N ASP C 288 -1.36 10.38 27.07
CA ASP C 288 -2.30 9.51 26.37
C ASP C 288 -2.13 9.57 24.85
N THR C 289 -1.78 8.43 24.26
CA THR C 289 -1.57 8.35 22.81
C THR C 289 -2.87 8.50 22.02
N LYS C 290 -4.01 8.29 22.68
CA LYS C 290 -5.30 8.41 22.00
C LYS C 290 -5.99 9.74 22.29
N LYS C 291 -5.22 10.73 22.70
CA LYS C 291 -5.75 12.06 22.96
C LYS C 291 -5.17 12.99 21.90
N PHE C 292 -5.90 14.06 21.60
CA PHE C 292 -5.48 15.06 20.62
C PHE C 292 -6.34 16.28 20.87
N GLU C 293 -5.97 17.42 20.30
CA GLU C 293 -6.77 18.62 20.53
C GLU C 293 -7.36 19.28 19.29
N ILE C 294 -8.57 19.78 19.45
CA ILE C 294 -9.25 20.49 18.38
C ILE C 294 -9.46 21.87 18.96
N TRP C 295 -8.60 22.83 18.64
CA TRP C 295 -8.79 24.16 19.18
C TRP C 295 -9.48 25.11 18.19
N TYR C 296 -9.92 26.25 18.70
CA TYR C 296 -10.65 27.23 17.91
C TYR C 296 -10.10 28.64 18.12
N ASN C 297 -10.14 29.46 17.07
CA ASN C 297 -9.66 30.84 17.12
C ASN C 297 -8.37 31.01 17.90
N ALA C 298 -7.26 30.56 17.31
CA ALA C 298 -5.96 30.67 17.93
C ALA C 298 -5.91 30.22 19.39
N ARG C 299 -6.77 29.26 19.74
CA ARG C 299 -6.84 28.68 21.08
C ARG C 299 -7.67 29.38 22.16
N GLU C 300 -8.56 30.28 21.77
CA GLU C 300 -9.40 30.94 22.77
C GLU C 300 -10.36 29.86 23.30
N GLU C 301 -10.41 28.74 22.58
CA GLU C 301 -11.22 27.58 22.90
C GLU C 301 -10.38 26.34 22.61
N VAL C 302 -10.24 25.45 23.58
CA VAL C 302 -9.45 24.24 23.38
C VAL C 302 -10.16 23.01 23.90
N TYR C 303 -10.35 22.02 23.04
CA TYR C 303 -11.02 20.80 23.47
C TYR C 303 -10.06 19.63 23.37
N ILE C 304 -9.94 18.90 24.47
CA ILE C 304 -9.07 17.75 24.53
C ILE C 304 -9.96 16.53 24.26
N ILE C 305 -9.76 15.88 23.11
CA ILE C 305 -10.57 14.73 22.76
C ILE C 305 -9.81 13.45 23.00
N GLN C 306 -10.44 12.50 23.66
CA GLN C 306 -9.80 11.22 23.92
C GLN C 306 -10.56 10.21 23.09
N ALA C 307 -9.87 9.65 22.11
CA ALA C 307 -10.47 8.65 21.24
C ALA C 307 -10.46 7.30 21.93
N PRO C 308 -11.44 6.44 21.63
CA PRO C 308 -11.51 5.12 22.24
C PRO C 308 -10.25 4.27 21.97
N THR C 309 -9.55 4.57 20.89
CA THR C 309 -8.33 3.84 20.56
C THR C 309 -7.35 4.76 19.85
N PRO C 310 -6.05 4.37 19.82
CA PRO C 310 -5.05 5.20 19.15
C PRO C 310 -5.30 5.25 17.64
N GLU C 311 -5.96 4.23 17.12
CA GLU C 311 -6.24 4.16 15.69
C GLU C 311 -7.31 5.18 15.31
N ILE C 312 -8.32 5.32 16.18
CA ILE C 312 -9.39 6.27 15.92
C ILE C 312 -8.84 7.69 15.98
N LYS C 313 -7.98 7.93 16.96
CA LYS C 313 -7.35 9.23 17.14
C LYS C 313 -6.57 9.55 15.87
N ALA C 314 -5.78 8.60 15.42
CA ALA C 314 -4.97 8.78 14.21
C ALA C 314 -5.84 9.10 13.00
N ALA C 315 -6.95 8.39 12.87
CA ALA C 315 -7.87 8.59 11.75
C ALA C 315 -8.48 10.00 11.78
N TRP C 316 -8.89 10.45 12.97
CA TRP C 316 -9.47 11.78 13.09
C TRP C 316 -8.44 12.83 12.76
N VAL C 317 -7.24 12.68 13.32
CA VAL C 317 -6.16 13.62 13.06
C VAL C 317 -5.89 13.74 11.56
N ASN C 318 -5.77 12.62 10.88
CA ASN C 318 -5.51 12.65 9.44
C ASN C 318 -6.65 13.27 8.66
N GLU C 319 -7.87 12.97 9.05
CA GLU C 319 -9.03 13.49 8.36
C GLU C 319 -9.15 15.02 8.55
N ILE C 320 -8.86 15.49 9.75
CA ILE C 320 -8.89 16.93 10.06
C ILE C 320 -7.82 17.62 9.20
N ARG C 321 -6.61 17.04 9.20
CA ARG C 321 -5.52 17.59 8.42
C ARG C 321 -5.83 17.63 6.93
N LYS C 322 -6.53 16.62 6.43
CA LYS C 322 -6.89 16.62 5.02
C LYS C 322 -7.81 17.80 4.75
N VAL C 323 -8.73 18.04 5.67
CA VAL C 323 -9.68 19.14 5.54
C VAL C 323 -8.96 20.50 5.63
N LEU C 324 -8.06 20.63 6.59
CA LEU C 324 -7.31 21.88 6.75
C LEU C 324 -6.46 22.14 5.51
N THR C 325 -5.90 21.08 4.95
CA THR C 325 -5.06 21.19 3.77
C THR C 325 -5.90 21.60 2.56
N SER C 326 -7.11 21.04 2.44
CA SER C 326 -7.99 21.38 1.32
C SER C 326 -8.45 22.81 1.47
N GLN C 327 -8.69 23.20 2.71
CA GLN C 327 -9.16 24.54 3.02
C GLN C 327 -8.12 25.57 2.59
N LEU C 328 -6.86 25.24 2.83
CA LEU C 328 -5.76 26.11 2.47
C LEU C 328 -5.68 26.22 0.95
N GLN C 329 -5.66 25.08 0.27
CA GLN C 329 -5.59 25.05 -1.19
C GLN C 329 -6.75 25.82 -1.81
N ALA C 330 -7.95 25.61 -1.28
CA ALA C 330 -9.15 26.28 -1.79
C ALA C 330 -9.05 27.79 -1.55
N CYS C 331 -8.64 28.15 -0.34
CA CYS C 331 -8.50 29.55 0.04
C CYS C 331 -7.47 30.26 -0.85
N ARG C 332 -6.46 29.52 -1.28
CA ARG C 332 -5.39 30.06 -2.13
C ARG C 332 -5.87 30.25 -3.57
N GLU C 333 -6.60 29.27 -4.10
CA GLU C 333 -7.11 29.34 -5.46
C GLU C 333 -8.09 30.51 -5.59
N ALA C 334 -8.54 31.02 -4.45
CA ALA C 334 -9.47 32.14 -4.41
C ALA C 334 -8.85 33.37 -3.77
N SER C 335 -7.57 33.28 -3.42
CA SER C 335 -6.86 34.39 -2.80
C SER C 335 -5.88 35.02 -3.80
N GLN C 336 -5.79 34.42 -4.99
CA GLN C 336 -4.90 34.90 -6.03
C GLN C 336 -5.51 34.74 -7.42
N HIS C 337 -6.77 34.31 -7.46
CA HIS C 337 -7.48 34.11 -8.72
C HIS C 337 -8.89 34.70 -8.67
N ARG C 338 -9.20 35.42 -7.60
CA ARG C 338 -10.52 36.03 -7.43
C ARG C 338 -10.43 37.34 -6.65
N ALA C 339 -10.03 37.23 -5.38
CA ALA C 339 -9.92 38.40 -4.51
C ALA C 339 -8.63 39.18 -4.79
N MET D 1 -47.49 -22.35 13.87
CA MET D 1 -46.30 -22.54 14.67
C MET D 1 -45.65 -21.19 15.01
N GLN D 2 -45.47 -20.93 16.30
CA GLN D 2 -44.88 -19.68 16.76
C GLN D 2 -43.66 -19.15 15.98
N THR D 3 -42.58 -19.93 15.98
CA THR D 3 -41.29 -19.59 15.37
C THR D 3 -40.44 -18.68 16.25
N ILE D 4 -39.37 -19.27 16.78
CA ILE D 4 -38.46 -18.62 17.70
C ILE D 4 -37.28 -17.93 17.02
N LYS D 5 -37.22 -16.60 17.12
CA LYS D 5 -36.14 -15.85 16.49
C LYS D 5 -34.89 -15.88 17.35
N CYS D 6 -33.86 -16.55 16.86
CA CYS D 6 -32.59 -16.66 17.59
C CYS D 6 -31.51 -15.89 16.83
N VAL D 7 -30.92 -14.91 17.51
CA VAL D 7 -29.87 -14.11 16.89
C VAL D 7 -28.55 -14.35 17.58
N VAL D 8 -27.52 -14.64 16.79
CA VAL D 8 -26.19 -14.92 17.29
C VAL D 8 -25.31 -13.70 17.13
N VAL D 9 -24.89 -13.13 18.25
CA VAL D 9 -24.01 -11.96 18.27
C VAL D 9 -22.67 -12.34 18.88
N GLY D 10 -21.71 -11.42 18.82
CA GLY D 10 -20.39 -11.67 19.37
C GLY D 10 -19.32 -11.15 18.43
N ASP D 11 -18.09 -11.00 18.92
CA ASP D 11 -17.01 -10.49 18.09
C ASP D 11 -16.83 -11.28 16.81
N GLY D 12 -16.38 -10.60 15.75
CA GLY D 12 -16.13 -11.31 14.51
C GLY D 12 -15.02 -12.27 14.91
N ALA D 13 -14.82 -13.34 14.15
CA ALA D 13 -13.75 -14.29 14.49
C ALA D 13 -13.97 -15.23 15.67
N VAL D 14 -15.12 -15.17 16.34
CA VAL D 14 -15.37 -16.11 17.44
C VAL D 14 -16.06 -17.35 16.85
N GLY D 15 -16.28 -17.35 15.54
CA GLY D 15 -16.90 -18.48 14.87
C GLY D 15 -18.42 -18.52 14.80
N LYS D 16 -19.08 -17.36 14.82
CA LYS D 16 -20.54 -17.33 14.77
C LYS D 16 -21.06 -18.08 13.54
N THR D 17 -20.62 -17.65 12.37
CA THR D 17 -21.04 -18.27 11.12
C THR D 17 -20.74 -19.77 11.14
N CYS D 18 -19.50 -20.09 11.42
CA CYS D 18 -19.03 -21.46 11.47
C CYS D 18 -19.92 -22.36 12.33
N LEU D 19 -20.27 -21.84 13.50
CA LEU D 19 -21.12 -22.50 14.47
C LEU D 19 -22.51 -22.79 13.90
N LEU D 20 -23.08 -21.82 13.19
CA LEU D 20 -24.40 -21.97 12.59
C LEU D 20 -24.40 -22.98 11.43
N ILE D 21 -23.36 -22.94 10.62
CA ILE D 21 -23.21 -23.85 9.49
C ILE D 21 -23.15 -25.29 9.98
N SER D 22 -22.33 -25.51 11.01
CA SER D 22 -22.15 -26.83 11.58
C SER D 22 -23.43 -27.45 12.11
N TYR D 23 -24.23 -26.62 12.79
CA TYR D 23 -25.47 -27.10 13.36
C TYR D 23 -26.53 -27.44 12.31
N THR D 24 -26.62 -26.62 11.27
CA THR D 24 -27.63 -26.84 10.23
C THR D 24 -27.25 -27.89 9.19
N THR D 25 -25.96 -28.11 8.98
CA THR D 25 -25.51 -29.09 7.99
C THR D 25 -24.99 -30.36 8.67
N ASN D 26 -25.02 -30.36 10.00
CA ASN D 26 -24.60 -31.52 10.77
C ASN D 26 -23.23 -32.07 10.35
N LYS D 27 -22.43 -31.22 9.71
CA LYS D 27 -21.09 -31.59 9.28
C LYS D 27 -20.25 -30.31 9.18
N PHE D 28 -19.00 -30.39 9.61
CA PHE D 28 -18.13 -29.22 9.58
C PHE D 28 -17.49 -29.02 8.20
N PRO D 29 -17.49 -27.77 7.70
CA PRO D 29 -16.91 -27.44 6.39
C PRO D 29 -15.43 -27.81 6.36
N SER D 30 -15.13 -28.95 5.73
CA SER D 30 -13.76 -29.44 5.65
C SER D 30 -12.78 -28.54 4.92
N GLU D 31 -12.92 -28.46 3.60
CA GLU D 31 -12.00 -27.68 2.79
C GLU D 31 -12.29 -26.19 2.64
N TYR D 32 -13.51 -25.76 2.94
CA TYR D 32 -13.84 -24.35 2.80
C TYR D 32 -14.95 -23.91 3.75
N VAL D 33 -14.60 -23.03 4.68
CA VAL D 33 -15.56 -22.50 5.63
C VAL D 33 -16.33 -21.37 5.00
N PRO D 34 -17.64 -21.58 4.76
CA PRO D 34 -18.49 -20.56 4.16
C PRO D 34 -18.47 -19.26 4.94
N THR D 35 -18.61 -18.16 4.23
CA THR D 35 -18.63 -16.83 4.81
C THR D 35 -20.06 -16.44 5.11
N VAL D 36 -20.97 -16.85 4.23
CA VAL D 36 -22.37 -16.51 4.33
C VAL D 36 -23.30 -17.55 4.96
N PHE D 37 -24.18 -17.06 5.82
CA PHE D 37 -25.19 -17.89 6.45
C PHE D 37 -26.47 -17.07 6.44
N ASP D 38 -27.35 -17.36 5.48
CA ASP D 38 -28.61 -16.64 5.38
C ASP D 38 -29.61 -17.10 6.44
N ASN D 39 -30.55 -16.22 6.79
CA ASN D 39 -31.57 -16.56 7.80
C ASN D 39 -32.05 -17.96 7.51
N TYR D 40 -32.10 -18.81 8.53
CA TYR D 40 -32.51 -20.18 8.33
C TYR D 40 -33.52 -20.68 9.35
N ALA D 41 -34.45 -21.52 8.91
CA ALA D 41 -35.48 -22.05 9.79
C ALA D 41 -35.33 -23.55 10.03
N VAL D 42 -35.10 -23.95 11.29
CA VAL D 42 -34.97 -25.36 11.65
C VAL D 42 -36.05 -25.76 12.66
N THR D 43 -36.83 -26.78 12.35
CA THR D 43 -37.85 -27.24 13.28
C THR D 43 -37.21 -28.29 14.18
N VAL D 44 -37.35 -28.13 15.49
CA VAL D 44 -36.75 -29.07 16.42
C VAL D 44 -37.80 -29.70 17.33
N MET D 45 -37.65 -31.01 17.56
CA MET D 45 -38.56 -31.73 18.43
C MET D 45 -38.01 -31.68 19.86
N ILE D 46 -38.80 -31.10 20.76
CA ILE D 46 -38.40 -31.02 22.16
C ILE D 46 -39.53 -31.55 23.00
N GLY D 47 -39.29 -32.68 23.66
CA GLY D 47 -40.34 -33.24 24.48
C GLY D 47 -41.50 -33.65 23.61
N GLY D 48 -41.18 -34.14 22.42
CA GLY D 48 -42.21 -34.58 21.49
C GLY D 48 -43.04 -33.44 20.91
N GLU D 49 -42.54 -32.22 21.05
CA GLU D 49 -43.24 -31.05 20.53
C GLU D 49 -42.34 -30.36 19.50
N PRO D 50 -42.93 -29.84 18.42
CA PRO D 50 -42.11 -29.17 17.40
C PRO D 50 -41.99 -27.66 17.64
N TYR D 51 -40.78 -27.14 17.46
CA TYR D 51 -40.53 -25.73 17.61
C TYR D 51 -39.70 -25.24 16.43
N THR D 52 -40.23 -24.28 15.67
CA THR D 52 -39.48 -23.77 14.52
C THR D 52 -38.54 -22.70 15.02
N LEU D 53 -37.32 -22.79 14.55
CA LEU D 53 -36.26 -21.91 15.00
C LEU D 53 -35.67 -21.07 13.89
N GLY D 54 -35.83 -19.75 13.99
CA GLY D 54 -35.28 -18.87 12.98
C GLY D 54 -33.88 -18.44 13.38
N LEU D 55 -32.87 -18.98 12.70
CA LEU D 55 -31.49 -18.64 13.02
C LEU D 55 -30.96 -17.46 12.21
N PHE D 56 -30.35 -16.50 12.91
CA PHE D 56 -29.79 -15.30 12.30
C PHE D 56 -28.32 -15.06 12.67
N ASP D 57 -27.46 -15.02 11.66
CA ASP D 57 -26.04 -14.75 11.85
C ASP D 57 -25.89 -13.22 11.78
N THR D 58 -24.80 -12.69 12.32
CA THR D 58 -24.58 -11.25 12.31
C THR D 58 -23.19 -10.92 11.75
N ALA D 59 -22.43 -11.98 11.41
CA ALA D 59 -21.08 -11.85 10.86
C ALA D 59 -21.00 -10.72 9.84
N GLY D 60 -19.98 -9.89 9.96
CA GLY D 60 -19.80 -8.78 9.03
C GLY D 60 -20.39 -7.45 9.48
N GLN D 61 -21.17 -7.46 10.56
CA GLN D 61 -21.82 -6.25 11.04
C GLN D 61 -21.21 -5.73 12.34
N GLU D 62 -20.31 -6.52 12.91
CA GLU D 62 -19.66 -6.19 14.17
C GLU D 62 -19.17 -4.76 14.34
N ASP D 63 -18.71 -4.14 13.24
CA ASP D 63 -18.17 -2.78 13.31
C ASP D 63 -19.14 -1.64 13.08
N TYR D 64 -20.37 -1.94 12.72
CA TYR D 64 -21.32 -0.89 12.42
C TYR D 64 -22.44 -0.79 13.45
N ASP D 65 -22.22 0.06 14.45
CA ASP D 65 -23.17 0.23 15.53
C ASP D 65 -24.57 0.71 15.13
N ARG D 66 -24.76 1.07 13.87
CA ARG D 66 -26.08 1.53 13.41
C ARG D 66 -26.80 0.49 12.56
N LEU D 67 -26.04 -0.35 11.85
CA LEU D 67 -26.62 -1.40 11.01
C LEU D 67 -26.90 -2.65 11.85
N ARG D 68 -25.94 -2.95 12.70
CA ARG D 68 -25.96 -4.08 13.62
C ARG D 68 -27.29 -4.28 14.36
N PRO D 69 -27.83 -3.21 14.98
CA PRO D 69 -29.10 -3.30 15.73
C PRO D 69 -30.36 -3.51 14.90
N LEU D 70 -30.27 -3.27 13.60
CA LEU D 70 -31.42 -3.46 12.75
C LEU D 70 -31.94 -4.90 12.84
N SER D 71 -31.09 -5.82 13.29
CA SER D 71 -31.47 -7.24 13.40
C SER D 71 -32.15 -7.64 14.71
N TYR D 72 -31.98 -6.82 15.74
CA TYR D 72 -32.52 -7.10 17.05
C TYR D 72 -34.02 -7.20 17.25
N PRO D 73 -34.80 -6.32 16.60
CA PRO D 73 -36.26 -6.38 16.78
C PRO D 73 -36.90 -7.76 16.60
N GLN D 74 -37.85 -8.08 17.48
CA GLN D 74 -38.59 -9.34 17.46
C GLN D 74 -37.74 -10.55 17.85
N THR D 75 -36.58 -10.33 18.46
CA THR D 75 -35.73 -11.45 18.84
C THR D 75 -36.29 -12.14 20.07
N ASP D 76 -36.35 -13.47 20.02
CA ASP D 76 -36.87 -14.25 21.13
C ASP D 76 -35.76 -14.74 22.03
N VAL D 77 -34.55 -14.84 21.48
CA VAL D 77 -33.42 -15.29 22.29
C VAL D 77 -32.12 -14.96 21.58
N PHE D 78 -31.15 -14.44 22.35
CA PHE D 78 -29.84 -14.09 21.83
C PHE D 78 -28.80 -15.10 22.28
N LEU D 79 -27.83 -15.37 21.42
CA LEU D 79 -26.73 -16.25 21.75
C LEU D 79 -25.52 -15.30 21.72
N VAL D 80 -25.03 -14.95 22.90
CA VAL D 80 -23.87 -14.06 23.00
C VAL D 80 -22.61 -14.92 22.99
N CYS D 81 -21.87 -14.87 21.89
CA CYS D 81 -20.69 -15.70 21.75
C CYS D 81 -19.35 -15.01 21.94
N PHE D 82 -18.39 -15.81 22.39
CA PHE D 82 -17.03 -15.38 22.60
C PHE D 82 -16.27 -16.70 22.47
N SER D 83 -15.04 -16.64 21.99
CA SER D 83 -14.22 -17.84 21.84
C SER D 83 -13.48 -18.09 23.16
N VAL D 84 -13.53 -19.32 23.67
CA VAL D 84 -12.84 -19.60 24.92
C VAL D 84 -11.33 -19.42 24.82
N VAL D 85 -10.79 -19.25 23.61
CA VAL D 85 -9.35 -19.03 23.46
C VAL D 85 -9.04 -17.62 22.97
N SER D 86 -10.00 -16.72 23.18
CA SER D 86 -9.86 -15.31 22.80
C SER D 86 -10.35 -14.44 23.96
N PRO D 87 -9.44 -14.07 24.87
CA PRO D 87 -9.79 -13.25 26.03
C PRO D 87 -10.45 -11.91 25.67
N SER D 88 -10.11 -11.38 24.51
CA SER D 88 -10.69 -10.11 24.10
C SER D 88 -12.15 -10.25 23.69
N SER D 89 -12.49 -11.35 23.04
CA SER D 89 -13.87 -11.58 22.62
C SER D 89 -14.70 -11.74 23.89
N PHE D 90 -14.06 -12.31 24.91
CA PHE D 90 -14.71 -12.54 26.19
C PHE D 90 -14.94 -11.18 26.87
N GLU D 91 -13.92 -10.34 26.81
CA GLU D 91 -13.99 -9.02 27.42
C GLU D 91 -15.10 -8.20 26.77
N ASN D 92 -15.26 -8.34 25.46
CA ASN D 92 -16.31 -7.61 24.74
C ASN D 92 -17.72 -8.06 25.08
N VAL D 93 -17.85 -9.24 25.67
CA VAL D 93 -19.16 -9.75 26.05
C VAL D 93 -19.79 -8.81 27.07
N LYS D 94 -19.05 -8.52 28.14
CA LYS D 94 -19.57 -7.64 29.19
C LYS D 94 -19.40 -6.18 28.82
N GLU D 95 -18.39 -5.90 28.01
CA GLU D 95 -18.09 -4.53 27.62
C GLU D 95 -18.89 -3.97 26.45
N LYS D 96 -19.31 -4.83 25.52
CA LYS D 96 -20.03 -4.36 24.35
C LYS D 96 -21.37 -5.06 24.06
N TRP D 97 -21.31 -6.37 23.85
CA TRP D 97 -22.50 -7.16 23.52
C TRP D 97 -23.67 -7.21 24.48
N VAL D 98 -23.47 -7.67 25.71
CA VAL D 98 -24.60 -7.72 26.65
C VAL D 98 -25.22 -6.33 26.88
N PRO D 99 -24.38 -5.29 27.06
CA PRO D 99 -24.97 -3.97 27.28
C PRO D 99 -25.91 -3.60 26.13
N GLU D 100 -25.43 -3.79 24.91
CA GLU D 100 -26.18 -3.47 23.71
C GLU D 100 -27.51 -4.23 23.52
N ILE D 101 -27.48 -5.56 23.60
CA ILE D 101 -28.72 -6.31 23.41
C ILE D 101 -29.68 -6.09 24.57
N THR D 102 -29.11 -5.80 25.74
CA THR D 102 -29.90 -5.54 26.95
C THR D 102 -30.66 -4.24 26.77
N HIS D 103 -29.99 -3.23 26.22
CA HIS D 103 -30.60 -1.94 25.98
C HIS D 103 -31.73 -2.07 24.95
N HIS D 104 -31.43 -2.68 23.80
CA HIS D 104 -32.42 -2.85 22.73
C HIS D 104 -33.55 -3.84 23.04
N CYS D 105 -33.20 -4.96 23.68
CA CYS D 105 -34.20 -5.97 24.02
C CYS D 105 -34.12 -6.34 25.51
N PRO D 106 -34.65 -5.47 26.38
CA PRO D 106 -34.67 -5.63 27.84
C PRO D 106 -35.30 -6.92 28.34
N LYS D 107 -36.44 -7.28 27.76
CA LYS D 107 -37.16 -8.48 28.16
C LYS D 107 -36.70 -9.75 27.48
N THR D 108 -35.78 -9.62 26.53
CA THR D 108 -35.28 -10.77 25.78
C THR D 108 -34.15 -11.51 26.46
N PRO D 109 -34.35 -12.80 26.74
CA PRO D 109 -33.35 -13.64 27.38
C PRO D 109 -32.20 -13.89 26.43
N PHE D 110 -31.01 -14.16 26.97
CA PHE D 110 -29.85 -14.45 26.14
C PHE D 110 -28.97 -15.48 26.84
N LEU D 111 -28.20 -16.22 26.05
CA LEU D 111 -27.30 -17.22 26.61
C LEU D 111 -25.88 -16.78 26.37
N LEU D 112 -24.98 -17.21 27.25
CA LEU D 112 -23.58 -16.89 27.07
C LEU D 112 -23.05 -18.14 26.41
N VAL D 113 -22.42 -17.98 25.26
CA VAL D 113 -21.91 -19.15 24.55
C VAL D 113 -20.42 -19.08 24.31
N GLY D 114 -19.69 -20.04 24.88
CA GLY D 114 -18.26 -20.08 24.67
C GLY D 114 -18.05 -20.97 23.48
N THR D 115 -17.17 -20.58 22.57
CA THR D 115 -16.93 -21.38 21.36
C THR D 115 -15.46 -21.81 21.24
N GLN D 116 -15.22 -22.69 20.27
CA GLN D 116 -13.88 -23.20 19.99
C GLN D 116 -13.26 -23.88 21.20
N ILE D 117 -14.09 -24.63 21.92
CA ILE D 117 -13.64 -25.34 23.10
C ILE D 117 -12.59 -26.39 22.72
N ASP D 118 -12.63 -26.83 21.48
CA ASP D 118 -11.67 -27.83 21.01
C ASP D 118 -10.25 -27.28 21.03
N LEU D 119 -10.13 -25.96 21.01
CA LEU D 119 -8.82 -25.30 21.01
C LEU D 119 -8.29 -25.06 22.42
N ARG D 120 -9.12 -25.34 23.43
CA ARG D 120 -8.71 -25.14 24.81
C ARG D 120 -7.44 -25.89 25.15
N ASP D 121 -7.30 -27.11 24.65
CA ASP D 121 -6.11 -27.89 24.95
C ASP D 121 -5.16 -28.03 23.76
N ASP D 122 -5.17 -27.03 22.88
CA ASP D 122 -4.27 -27.07 21.74
C ASP D 122 -2.94 -26.47 22.16
N PRO D 123 -1.83 -27.08 21.74
CA PRO D 123 -0.47 -26.62 22.06
C PRO D 123 -0.22 -25.19 21.62
N SER D 124 -0.26 -25.00 20.30
CA SER D 124 -0.02 -23.69 19.71
C SER D 124 -0.90 -22.62 20.33
N THR D 125 -2.18 -22.92 20.51
CA THR D 125 -3.12 -21.95 21.08
C THR D 125 -2.72 -21.54 22.50
N ILE D 126 -2.53 -22.52 23.37
CA ILE D 126 -2.13 -22.23 24.75
C ILE D 126 -0.86 -21.42 24.69
N GLU D 127 0.00 -21.81 23.78
CA GLU D 127 1.28 -21.13 23.56
C GLU D 127 1.03 -19.64 23.32
N LYS D 128 0.45 -19.31 22.17
CA LYS D 128 0.15 -17.93 21.81
C LYS D 128 -0.39 -17.10 22.97
N LEU D 129 -1.38 -17.63 23.66
CA LEU D 129 -2.00 -16.93 24.79
C LEU D 129 -1.04 -16.62 25.93
N ALA D 130 -0.42 -17.67 26.47
CA ALA D 130 0.52 -17.53 27.57
C ALA D 130 1.61 -16.50 27.29
N LYS D 131 2.01 -16.39 26.03
CA LYS D 131 3.04 -15.43 25.65
C LYS D 131 2.56 -14.00 25.96
N ASN D 132 1.42 -13.88 26.63
CA ASN D 132 0.87 -12.57 26.98
C ASN D 132 0.12 -12.62 28.30
N LYS D 133 0.56 -13.48 29.21
CA LYS D 133 -0.08 -13.64 30.53
C LYS D 133 -1.56 -14.00 30.38
N GLN D 134 -1.88 -14.82 29.38
CA GLN D 134 -3.25 -15.24 29.12
C GLN D 134 -3.37 -16.73 28.94
N LYS D 135 -4.57 -17.22 29.26
CA LYS D 135 -4.90 -18.63 29.16
C LYS D 135 -6.35 -18.70 28.71
N PRO D 136 -6.78 -19.84 28.15
CA PRO D 136 -8.16 -19.95 27.72
C PRO D 136 -9.11 -19.62 28.89
N ILE D 137 -10.40 -19.43 28.60
CA ILE D 137 -11.37 -19.14 29.64
C ILE D 137 -11.95 -20.46 30.14
N THR D 138 -12.02 -20.61 31.45
CA THR D 138 -12.53 -21.82 32.07
C THR D 138 -14.05 -21.76 32.19
N PRO D 139 -14.72 -22.92 32.18
CA PRO D 139 -16.19 -22.96 32.30
C PRO D 139 -16.64 -22.21 33.54
N GLU D 140 -15.82 -22.28 34.59
CA GLU D 140 -16.13 -21.62 35.86
C GLU D 140 -16.17 -20.10 35.69
N THR D 141 -15.14 -19.55 35.07
CA THR D 141 -15.06 -18.12 34.84
C THR D 141 -16.29 -17.64 34.06
N ALA D 142 -16.55 -18.34 32.96
CA ALA D 142 -17.68 -18.05 32.08
C ALA D 142 -19.00 -18.15 32.81
N GLU D 143 -19.15 -19.19 33.61
CA GLU D 143 -20.37 -19.41 34.37
C GLU D 143 -20.61 -18.28 35.36
N LYS D 144 -19.53 -17.77 35.94
CA LYS D 144 -19.65 -16.66 36.87
C LYS D 144 -20.14 -15.42 36.15
N LEU D 145 -19.53 -15.12 34.99
CA LEU D 145 -19.92 -13.95 34.19
C LEU D 145 -21.38 -14.07 33.77
N ALA D 146 -21.81 -15.28 33.45
CA ALA D 146 -23.18 -15.53 33.04
C ALA D 146 -24.14 -15.15 34.16
N ARG D 147 -23.83 -15.63 35.37
CA ARG D 147 -24.65 -15.33 36.54
C ARG D 147 -24.67 -13.83 36.80
N ASP D 148 -23.50 -13.21 36.67
CA ASP D 148 -23.40 -11.77 36.91
C ASP D 148 -24.11 -10.92 35.86
N LEU D 149 -24.03 -11.31 34.59
CA LEU D 149 -24.68 -10.55 33.54
C LEU D 149 -26.15 -10.90 33.38
N LYS D 150 -26.62 -11.88 34.16
CA LYS D 150 -28.02 -12.31 34.13
C LYS D 150 -28.36 -13.10 32.86
N ALA D 151 -27.38 -13.87 32.40
CA ALA D 151 -27.58 -14.71 31.22
C ALA D 151 -28.42 -15.88 31.70
N VAL D 152 -29.40 -16.30 30.91
CA VAL D 152 -30.22 -17.42 31.30
C VAL D 152 -29.32 -18.56 31.75
N LYS D 153 -28.16 -18.68 31.11
CA LYS D 153 -27.26 -19.76 31.44
C LYS D 153 -26.04 -19.71 30.53
N TYR D 154 -25.03 -20.49 30.86
CA TYR D 154 -23.82 -20.56 30.05
C TYR D 154 -23.67 -21.95 29.43
N VAL D 155 -23.36 -21.97 28.13
CA VAL D 155 -23.16 -23.21 27.39
C VAL D 155 -21.93 -22.99 26.51
N GLU D 156 -21.23 -24.07 26.18
CA GLU D 156 -20.06 -23.95 25.32
C GLU D 156 -20.02 -25.12 24.34
N CYS D 157 -19.35 -24.91 23.20
CA CYS D 157 -19.30 -25.95 22.18
C CYS D 157 -18.10 -25.83 21.25
N SER D 158 -18.08 -26.69 20.25
CA SER D 158 -17.05 -26.73 19.22
C SER D 158 -17.73 -27.02 17.88
N ALA D 159 -17.67 -26.09 16.94
CA ALA D 159 -18.28 -26.28 15.63
C ALA D 159 -17.55 -27.38 14.89
N LEU D 160 -16.25 -27.49 15.16
CA LEU D 160 -15.41 -28.49 14.54
C LEU D 160 -15.80 -29.91 14.96
N THR D 161 -15.84 -30.17 16.27
CA THR D 161 -16.16 -31.50 16.76
C THR D 161 -17.66 -31.71 16.96
N GLN D 162 -18.37 -30.60 17.10
CA GLN D 162 -19.82 -30.61 17.30
C GLN D 162 -20.20 -30.93 18.74
N LYS D 163 -19.22 -30.96 19.62
CA LYS D 163 -19.48 -31.24 21.03
C LYS D 163 -20.31 -30.10 21.64
N GLY D 164 -21.47 -30.46 22.20
CA GLY D 164 -22.33 -29.48 22.83
C GLY D 164 -23.11 -28.58 21.89
N LEU D 165 -22.81 -28.68 20.59
CA LEU D 165 -23.47 -27.86 19.60
C LEU D 165 -25.00 -27.96 19.66
N LYS D 166 -25.52 -29.17 19.49
CA LYS D 166 -26.97 -29.37 19.54
C LYS D 166 -27.57 -28.79 20.82
N ASN D 167 -26.90 -29.03 21.94
CA ASN D 167 -27.40 -28.55 23.21
C ASN D 167 -27.55 -27.03 23.28
N VAL D 168 -26.61 -26.32 22.66
CA VAL D 168 -26.65 -24.86 22.64
C VAL D 168 -28.03 -24.42 22.13
N PHE D 169 -28.45 -24.96 20.99
CA PHE D 169 -29.73 -24.59 20.41
C PHE D 169 -30.98 -25.12 21.12
N ASP D 170 -30.87 -26.26 21.79
CA ASP D 170 -32.03 -26.75 22.52
C ASP D 170 -32.24 -25.76 23.66
N GLU D 171 -31.14 -25.38 24.30
CA GLU D 171 -31.18 -24.43 25.40
C GLU D 171 -31.75 -23.08 24.97
N ALA D 172 -31.47 -22.71 23.72
CA ALA D 172 -31.96 -21.46 23.15
C ALA D 172 -33.47 -21.54 23.04
N ILE D 173 -33.95 -22.70 22.62
CA ILE D 173 -35.39 -22.92 22.46
C ILE D 173 -36.04 -22.86 23.82
N LEU D 174 -35.48 -23.59 24.77
CA LEU D 174 -36.02 -23.63 26.12
C LEU D 174 -36.05 -22.23 26.73
N ALA D 175 -34.94 -21.51 26.61
CA ALA D 175 -34.85 -20.17 27.16
C ALA D 175 -35.89 -19.24 26.52
N ALA D 176 -36.21 -19.48 25.26
CA ALA D 176 -37.18 -18.63 24.57
C ALA D 176 -38.60 -18.90 25.06
N LEU D 177 -38.81 -20.06 25.66
CA LEU D 177 -40.13 -20.44 26.17
C LEU D 177 -40.39 -20.02 27.61
#